data_5X8I
#
_entry.id   5X8I
#
_cell.length_a   68.330
_cell.length_b   68.330
_cell.length_c   285.721
_cell.angle_alpha   90.00
_cell.angle_beta   90.00
_cell.angle_gamma   120.00
#
_symmetry.space_group_name_H-M   'P 65'
#
loop_
_entity.id
_entity.type
_entity.pdbx_description
1 polymer 'Dual specificity protein kinase CLK1'
2 non-polymer 5-[1-[(1S)-1-(4-fluorophenyl)ethyl]-[1,2,3]triazolo[4,5-c]quinolin-8-yl]-1,3-benzoxazole
3 water water
#
_entity_poly.entity_id   1
_entity_poly.type   'polypeptide(L)'
_entity_poly.pdbx_seq_one_letter_code
;MHLICQSGDVLSARYEIVDTLGEGAFGKVVECIDHKAGGRHVAVKIVKNVDRYCEAARSEIQVLEHLNTTDPNSTFRCVQ
MLEWFEHHGHICIVFELLGLSTYDFIKENGFLPFRLDHIRKMAYQICKSVNFLHSNKLTHTDLKPENILFVQSDYTEAYN
PKIKRDERTLINPDIKVVDFGSATYDDEHHSTLVSTRHYRAPEVILALGWSQPCDVWSIGCILIEYYLGFTVFPTHDSKE
HLAMMERILGPLPKHMIQKTRKRKYFHHDRLDWDEHSSAGRYVSRACKPLKEFMLSQDVEHERLFDLIQKMLEYDPAKRI
TLREALKHPFFDLLKKSILEHHHHHH
;
_entity_poly.pdbx_strand_id   B,A
#
loop_
_chem_comp.id
_chem_comp.type
_chem_comp.name
_chem_comp.formula
SQZ non-polymer 5-[1-[(1S)-1-(4-fluorophenyl)ethyl]-[1,2,3]triazolo[4,5-c]quinolin-8-yl]-1,3-benzoxazole 'C24 H16 F N5 O'
#
# COMPACT_ATOMS: atom_id res chain seq x y z
N ASP A 9 -0.61 7.74 -32.80
CA ASP A 9 -0.76 9.18 -32.99
C ASP A 9 0.62 9.83 -33.08
N VAL A 10 0.74 10.89 -33.89
CA VAL A 10 2.02 11.56 -34.16
C VAL A 10 1.78 13.09 -34.04
N LEU A 11 2.01 13.62 -32.85
CA LEU A 11 1.82 15.03 -32.61
C LEU A 11 2.83 15.88 -33.40
N SER A 12 2.39 17.07 -33.80
CA SER A 12 3.25 18.11 -34.35
C SER A 12 4.07 17.66 -35.56
N ALA A 13 3.63 16.60 -36.23
CA ALA A 13 4.29 15.99 -37.38
C ALA A 13 5.64 15.36 -37.07
N ARG A 14 6.04 15.27 -35.79
CA ARG A 14 7.35 14.69 -35.54
C ARG A 14 7.37 13.69 -34.38
N TYR A 15 6.43 13.79 -33.45
CA TYR A 15 6.46 12.99 -32.22
C TYR A 15 5.48 11.82 -32.30
N GLU A 16 6.02 10.61 -32.40
CA GLU A 16 5.22 9.40 -32.44
C GLU A 16 5.15 8.80 -31.05
N ILE A 17 3.95 8.62 -30.53
CA ILE A 17 3.78 8.06 -29.20
C ILE A 17 4.16 6.60 -29.20
N VAL A 18 4.97 6.20 -28.24
CA VAL A 18 5.31 4.81 -28.13
C VAL A 18 4.88 4.18 -26.82
N ASP A 19 4.52 5.00 -25.85
CA ASP A 19 4.13 4.52 -24.57
C ASP A 19 3.47 5.56 -23.72
N THR A 20 2.62 5.13 -22.80
CA THR A 20 2.09 6.07 -21.89
C THR A 20 2.78 5.82 -20.56
N LEU A 21 3.52 6.83 -20.13
CA LEU A 21 4.25 6.81 -18.88
C LEU A 21 3.50 6.97 -17.58
N GLY A 22 2.41 7.70 -17.64
CA GLY A 22 1.63 8.00 -16.45
C GLY A 22 0.47 8.89 -16.80
N GLU A 23 -0.60 8.80 -16.01
CA GLU A 23 -1.84 9.52 -16.27
C GLU A 23 -2.33 10.12 -14.96
N GLY A 24 -3.00 11.26 -15.07
CA GLY A 24 -3.52 11.93 -13.90
C GLY A 24 -4.68 12.83 -14.26
N ALA A 25 -5.09 13.63 -13.28
CA ALA A 25 -6.19 14.57 -13.50
C ALA A 25 -5.91 15.48 -14.70
N PHE A 26 -4.64 15.84 -14.89
CA PHE A 26 -4.27 16.83 -15.90
C PHE A 26 -4.39 16.28 -17.32
N GLY A 27 -4.25 14.98 -17.48
CA GLY A 27 -4.03 14.38 -18.78
C GLY A 27 -3.06 13.20 -18.59
N LYS A 28 -2.12 13.11 -19.54
CA LYS A 28 -1.14 12.02 -19.47
C LYS A 28 0.23 12.52 -19.90
N VAL A 29 1.25 11.76 -19.53
CA VAL A 29 2.60 11.93 -20.05
C VAL A 29 2.95 10.69 -20.85
N VAL A 30 3.35 10.90 -22.11
CA VAL A 30 3.65 9.80 -23.01
C VAL A 30 5.12 9.86 -23.41
N GLU A 31 5.67 8.70 -23.76
CA GLU A 31 7.01 8.64 -24.32
C GLU A 31 6.90 8.66 -25.84
N CYS A 32 7.71 9.50 -26.48
CA CYS A 32 7.63 9.68 -27.92
C CYS A 32 8.99 9.51 -28.58
N ILE A 33 8.96 8.95 -29.79
CA ILE A 33 10.06 9.04 -30.72
C ILE A 33 9.99 10.37 -31.43
N ASP A 34 11.12 11.07 -31.55
CA ASP A 34 11.20 12.29 -32.34
C ASP A 34 11.69 11.93 -33.73
N HIS A 35 10.77 11.96 -34.71
CA HIS A 35 11.13 11.54 -36.05
C HIS A 35 11.94 12.58 -36.83
N LYS A 36 11.93 13.85 -36.39
CA LYS A 36 12.75 14.87 -37.04
C LYS A 36 14.15 14.92 -36.46
N ALA A 37 14.29 14.91 -35.14
CA ALA A 37 15.60 15.01 -34.53
C ALA A 37 16.21 13.63 -34.36
N GLY A 38 17.51 13.61 -34.08
CA GLY A 38 18.17 12.40 -33.64
C GLY A 38 17.37 11.62 -32.61
N GLY A 39 17.65 10.34 -32.46
CA GLY A 39 16.68 9.43 -31.91
C GLY A 39 16.60 9.20 -30.41
N ARG A 40 17.01 10.16 -29.59
CA ARG A 40 16.77 10.03 -28.16
C ARG A 40 15.31 10.35 -27.88
N HIS A 41 14.61 9.44 -27.21
CA HIS A 41 13.18 9.62 -26.96
C HIS A 41 12.96 10.83 -26.03
N VAL A 42 11.72 11.34 -26.04
CA VAL A 42 11.32 12.46 -25.22
C VAL A 42 10.05 12.10 -24.45
N ALA A 43 9.75 12.89 -23.44
CA ALA A 43 8.50 12.80 -22.70
C ALA A 43 7.58 13.94 -23.13
N VAL A 44 6.31 13.64 -23.36
CA VAL A 44 5.37 14.66 -23.81
C VAL A 44 4.16 14.65 -22.89
N LYS A 45 3.91 15.76 -22.23
CA LYS A 45 2.72 15.94 -21.42
C LYS A 45 1.59 16.45 -22.31
N ILE A 46 0.51 15.68 -22.41
CA ILE A 46 -0.67 16.05 -23.19
C ILE A 46 -1.77 16.41 -22.21
N VAL A 47 -2.17 17.68 -22.22
CA VAL A 47 -3.08 18.23 -21.21
C VAL A 47 -4.51 18.10 -21.71
N LYS A 48 -5.42 17.73 -20.80
CA LYS A 48 -6.83 17.68 -21.13
C LYS A 48 -7.32 19.02 -21.65
N ASN A 49 -8.30 18.98 -22.56
CA ASN A 49 -8.92 20.20 -23.05
C ASN A 49 -10.02 20.67 -22.09
N VAL A 50 -9.57 21.01 -20.88
CA VAL A 50 -10.42 21.52 -19.80
C VAL A 50 -9.74 22.76 -19.26
N ASP A 51 -10.53 23.84 -19.06
CA ASP A 51 -9.95 25.14 -18.69
C ASP A 51 -8.98 25.01 -17.53
N ARG A 52 -9.45 24.38 -16.45
CA ARG A 52 -8.68 24.11 -15.23
C ARG A 52 -7.25 23.65 -15.54
N TYR A 53 -7.12 22.65 -16.39
CA TYR A 53 -5.82 22.06 -16.66
C TYR A 53 -5.07 22.82 -17.75
N CYS A 54 -5.77 23.44 -18.69
CA CYS A 54 -5.11 24.31 -19.66
C CYS A 54 -4.40 25.44 -18.95
N GLU A 55 -5.09 26.12 -18.03
CA GLU A 55 -4.52 27.25 -17.32
C GLU A 55 -3.31 26.84 -16.49
N ALA A 56 -3.38 25.69 -15.80
CA ALA A 56 -2.21 25.19 -15.08
C ALA A 56 -1.04 24.93 -16.04
N ALA A 57 -1.33 24.34 -17.20
CA ALA A 57 -0.27 24.03 -18.16
C ALA A 57 0.38 25.31 -18.69
N ARG A 58 -0.40 26.36 -18.92
CA ARG A 58 0.20 27.61 -19.38
C ARG A 58 1.05 28.26 -18.29
N SER A 59 0.59 28.17 -17.04
CA SER A 59 1.39 28.63 -15.92
C SER A 59 2.69 27.83 -15.83
N GLU A 60 2.60 26.50 -15.97
CA GLU A 60 3.80 25.68 -15.98
C GLU A 60 4.77 26.12 -17.07
N ILE A 61 4.25 26.37 -18.28
CA ILE A 61 5.13 26.81 -19.37
C ILE A 61 5.81 28.13 -19.02
N GLN A 62 5.05 29.08 -18.45
CA GLN A 62 5.65 30.35 -18.07
C GLN A 62 6.73 30.16 -17.02
N VAL A 63 6.47 29.30 -16.03
CA VAL A 63 7.47 29.06 -14.99
C VAL A 63 8.71 28.42 -15.59
N LEU A 64 8.51 27.40 -16.42
CA LEU A 64 9.66 26.69 -16.98
C LEU A 64 10.43 27.55 -17.97
N GLU A 65 9.75 28.46 -18.69
CA GLU A 65 10.49 29.37 -19.55
C GLU A 65 11.40 30.29 -18.76
N HIS A 66 10.92 30.79 -17.61
CA HIS A 66 11.74 31.66 -16.78
C HIS A 66 12.85 30.88 -16.08
N LEU A 67 12.57 29.65 -15.65
CA LEU A 67 13.64 28.85 -15.04
C LEU A 67 14.70 28.45 -16.06
N ASN A 68 14.29 28.17 -17.31
CA ASN A 68 15.27 27.88 -18.36
C ASN A 68 16.16 29.08 -18.64
N THR A 69 15.61 30.28 -18.60
CA THR A 69 16.46 31.45 -18.83
C THR A 69 17.46 31.63 -17.69
N THR A 70 17.04 31.41 -16.45
CA THR A 70 17.93 31.60 -15.30
C THR A 70 18.90 30.44 -15.14
N ASP A 71 18.45 29.22 -15.46
CA ASP A 71 19.20 28.00 -15.21
C ASP A 71 19.13 27.09 -16.44
N PRO A 72 19.73 27.50 -17.55
CA PRO A 72 19.55 26.75 -18.81
C PRO A 72 20.13 25.34 -18.77
N ASN A 73 21.08 25.06 -17.88
CA ASN A 73 21.69 23.74 -17.76
C ASN A 73 21.12 22.92 -16.63
N SER A 74 20.07 23.40 -15.99
CA SER A 74 19.37 22.62 -14.97
C SER A 74 20.33 22.26 -13.85
N THR A 75 21.16 23.25 -13.47
CA THR A 75 22.04 23.11 -12.33
C THR A 75 21.25 22.72 -11.09
N PHE A 76 20.06 23.28 -10.97
CA PHE A 76 19.19 23.09 -9.82
C PHE A 76 18.11 22.06 -10.05
N ARG A 77 18.28 21.22 -11.09
CA ARG A 77 17.61 19.94 -11.22
C ARG A 77 16.09 20.04 -11.36
N CYS A 78 15.60 21.14 -11.90
CA CYS A 78 14.22 21.16 -12.38
C CYS A 78 14.20 20.50 -13.75
N VAL A 79 13.13 19.74 -14.04
CA VAL A 79 13.02 19.10 -15.34
C VAL A 79 13.10 20.14 -16.47
N GLN A 80 13.71 19.75 -17.59
CA GLN A 80 13.91 20.66 -18.70
C GLN A 80 12.80 20.53 -19.74
N MET A 81 12.12 21.65 -19.98
CA MET A 81 11.17 21.72 -21.08
C MET A 81 11.92 22.02 -22.37
N LEU A 82 11.63 21.22 -23.40
CA LEU A 82 12.31 21.37 -24.69
C LEU A 82 11.54 22.23 -25.67
N GLU A 83 10.21 22.15 -25.63
CA GLU A 83 9.33 22.96 -26.45
C GLU A 83 7.90 22.69 -26.00
N TRP A 84 6.96 23.46 -26.56
CA TRP A 84 5.54 23.25 -26.32
C TRP A 84 4.78 23.67 -27.56
N PHE A 85 3.55 23.15 -27.70
CA PHE A 85 2.69 23.42 -28.85
C PHE A 85 1.28 22.99 -28.50
N GLU A 86 0.35 23.28 -29.42
CA GLU A 86 -1.04 22.87 -29.35
C GLU A 86 -1.35 21.87 -30.46
N HIS A 87 -2.23 20.91 -30.16
CA HIS A 87 -2.54 19.83 -31.10
C HIS A 87 -3.95 19.33 -30.79
N HIS A 88 -4.86 19.49 -31.76
CA HIS A 88 -6.28 19.16 -31.59
C HIS A 88 -6.84 19.73 -30.30
N GLY A 89 -6.46 20.98 -30.01
CA GLY A 89 -6.95 21.67 -28.85
C GLY A 89 -6.29 21.31 -27.53
N HIS A 90 -5.31 20.42 -27.53
CA HIS A 90 -4.57 20.07 -26.33
C HIS A 90 -3.21 20.76 -26.31
N ILE A 91 -2.85 21.31 -25.16
CA ILE A 91 -1.51 21.80 -24.91
C ILE A 91 -0.58 20.61 -24.71
N CYS A 92 0.56 20.62 -25.39
CA CYS A 92 1.53 19.52 -25.30
C CYS A 92 2.88 20.12 -24.94
N ILE A 93 3.48 19.64 -23.85
CA ILE A 93 4.77 20.12 -23.38
C ILE A 93 5.77 19.00 -23.52
N VAL A 94 6.84 19.26 -24.28
CA VAL A 94 7.89 18.28 -24.52
C VAL A 94 8.95 18.46 -23.46
N PHE A 95 9.30 17.37 -22.78
CA PHE A 95 10.30 17.34 -21.72
C PHE A 95 11.41 16.36 -22.09
N GLU A 96 12.62 16.61 -21.57
CA GLU A 96 13.61 15.56 -21.50
C GLU A 96 12.99 14.31 -20.85
N LEU A 97 13.34 13.15 -21.39
CA LEU A 97 12.81 11.89 -20.85
C LEU A 97 13.61 11.52 -19.60
N LEU A 98 12.91 11.37 -18.48
CA LEU A 98 13.50 10.91 -17.24
C LEU A 98 13.10 9.47 -17.00
N GLY A 99 13.67 8.86 -15.97
CA GLY A 99 13.35 7.51 -15.58
C GLY A 99 12.19 7.44 -14.61
N LEU A 100 12.17 6.37 -13.83
CA LEU A 100 11.07 6.14 -12.90
C LEU A 100 11.03 7.23 -11.82
N SER A 101 9.85 7.45 -11.26
CA SER A 101 9.76 8.30 -10.10
C SER A 101 10.36 7.59 -8.89
N THR A 102 10.73 8.37 -7.89
CA THR A 102 11.25 7.73 -6.69
C THR A 102 10.18 6.85 -6.03
N TYR A 103 8.90 7.20 -6.20
CA TYR A 103 7.84 6.33 -5.67
C TYR A 103 7.78 5.01 -6.44
N ASP A 104 7.75 5.08 -7.79
CA ASP A 104 7.75 3.88 -8.62
C ASP A 104 8.90 2.94 -8.27
N PHE A 105 10.07 3.49 -7.95
CA PHE A 105 11.22 2.64 -7.66
C PHE A 105 11.03 1.90 -6.35
N ILE A 106 10.62 2.60 -5.30
CA ILE A 106 10.34 1.97 -4.01
C ILE A 106 9.29 0.89 -4.18
N LYS A 107 8.18 1.23 -4.85
CA LYS A 107 7.11 0.28 -5.09
C LYS A 107 7.62 -0.96 -5.83
N GLU A 108 8.33 -0.74 -6.94
CA GLU A 108 8.84 -1.88 -7.71
C GLU A 108 9.88 -2.68 -6.92
N ASN A 109 10.51 -2.07 -5.93
CA ASN A 109 11.40 -2.80 -5.02
C ASN A 109 10.66 -3.49 -3.89
N GLY A 110 9.33 -3.56 -3.95
CA GLY A 110 8.59 -4.17 -2.85
C GLY A 110 8.53 -3.30 -1.62
N PHE A 111 8.66 -1.97 -1.80
CA PHE A 111 8.63 -0.98 -0.72
C PHE A 111 9.79 -1.16 0.25
N LEU A 112 10.92 -1.64 -0.27
CA LEU A 112 12.14 -1.55 0.50
C LEU A 112 12.63 -0.11 0.49
N PRO A 113 13.12 0.39 1.61
CA PRO A 113 13.54 1.79 1.66
C PRO A 113 14.83 1.99 0.89
N PHE A 114 15.09 3.25 0.58
CA PHE A 114 16.37 3.61 -0.01
C PHE A 114 17.48 3.54 1.02
N ARG A 115 18.68 3.23 0.55
CA ARG A 115 19.87 3.23 1.39
C ARG A 115 20.17 4.66 1.85
N LEU A 116 20.74 4.78 3.05
CA LEU A 116 20.90 6.10 3.67
C LEU A 116 21.77 7.03 2.81
N ASP A 117 22.82 6.48 2.19
CA ASP A 117 23.70 7.32 1.36
C ASP A 117 22.96 7.85 0.15
N HIS A 118 22.05 7.05 -0.41
CA HIS A 118 21.23 7.52 -1.51
C HIS A 118 20.21 8.54 -1.05
N ILE A 119 19.60 8.31 0.12
CA ILE A 119 18.69 9.31 0.69
C ILE A 119 19.41 10.65 0.84
N ARG A 120 20.66 10.61 1.31
CA ARG A 120 21.39 11.85 1.56
C ARG A 120 21.54 12.67 0.29
N LYS A 121 21.95 12.02 -0.81
CA LYS A 121 22.15 12.78 -2.05
C LYS A 121 20.82 13.18 -2.68
N MET A 122 19.79 12.33 -2.57
CA MET A 122 18.48 12.68 -3.13
C MET A 122 17.87 13.86 -2.37
N ALA A 123 17.89 13.80 -1.03
CA ALA A 123 17.41 14.90 -0.22
C ALA A 123 18.16 16.19 -0.52
N TYR A 124 19.48 16.09 -0.71
CA TYR A 124 20.25 17.29 -1.00
C TYR A 124 19.79 17.91 -2.31
N GLN A 125 19.69 17.08 -3.37
CA GLN A 125 19.26 17.60 -4.67
C GLN A 125 17.84 18.13 -4.62
N ILE A 126 16.95 17.47 -3.87
CA ILE A 126 15.59 17.98 -3.75
C ILE A 126 15.58 19.34 -3.09
N CYS A 127 16.28 19.45 -1.94
CA CYS A 127 16.34 20.73 -1.24
C CYS A 127 16.99 21.80 -2.10
N LYS A 128 18.07 21.45 -2.84
CA LYS A 128 18.71 22.39 -3.75
C LYS A 128 17.73 22.90 -4.81
N SER A 129 17.00 21.98 -5.43
CA SER A 129 16.03 22.33 -6.46
C SER A 129 14.92 23.21 -5.92
N VAL A 130 14.33 22.80 -4.80
CA VAL A 130 13.22 23.59 -4.27
C VAL A 130 13.71 24.90 -3.68
N ASN A 131 14.91 24.93 -3.09
CA ASN A 131 15.42 26.22 -2.62
C ASN A 131 15.64 27.20 -3.78
N PHE A 132 16.04 26.68 -4.95
CA PHE A 132 16.15 27.52 -6.15
C PHE A 132 14.81 28.15 -6.50
N LEU A 133 13.75 27.34 -6.46
CA LEU A 133 12.40 27.87 -6.64
C LEU A 133 12.09 28.93 -5.59
N HIS A 134 12.35 28.61 -4.32
CA HIS A 134 12.07 29.55 -3.25
C HIS A 134 12.87 30.83 -3.41
N SER A 135 14.06 30.76 -3.99
CA SER A 135 14.92 31.94 -4.23
C SER A 135 14.29 32.90 -5.22
N ASN A 136 13.52 32.31 -6.10
CA ASN A 136 12.79 32.92 -7.17
C ASN A 136 11.33 33.28 -6.82
N LYS A 137 10.96 33.28 -5.58
CA LYS A 137 9.61 33.68 -5.17
C LYS A 137 8.47 32.73 -5.57
N LEU A 138 8.85 31.50 -5.70
CA LEU A 138 7.97 30.39 -6.08
C LEU A 138 7.87 29.35 -4.97
N THR A 139 6.68 28.79 -4.82
CA THR A 139 6.43 27.62 -3.99
C THR A 139 5.89 26.52 -4.91
N HIS A 140 6.45 25.30 -4.79
CA HIS A 140 6.02 24.20 -5.66
C HIS A 140 4.58 23.80 -5.34
N THR A 141 4.30 23.53 -4.06
CA THR A 141 3.03 23.17 -3.41
C THR A 141 2.62 21.70 -3.60
N ASP A 142 3.23 20.93 -4.51
CA ASP A 142 2.80 19.54 -4.70
C ASP A 142 4.01 18.61 -4.73
N LEU A 143 4.92 18.79 -3.78
CA LEU A 143 6.05 17.89 -3.68
C LEU A 143 5.60 16.55 -3.10
N LYS A 144 6.02 15.48 -3.76
CA LYS A 144 5.70 14.12 -3.36
C LYS A 144 6.64 13.20 -4.11
N PRO A 145 6.83 11.97 -3.65
CA PRO A 145 7.81 11.10 -4.33
C PRO A 145 7.48 10.84 -5.77
N GLU A 146 6.19 10.93 -6.13
CA GLU A 146 5.78 10.78 -7.52
C GLU A 146 6.27 11.90 -8.41
N ASN A 147 6.57 13.08 -7.85
CA ASN A 147 7.07 14.22 -8.62
C ASN A 147 8.58 14.39 -8.51
N ILE A 148 9.27 13.42 -7.93
CA ILE A 148 10.73 13.37 -7.93
C ILE A 148 11.12 12.18 -8.82
N LEU A 149 11.81 12.44 -9.92
CA LEU A 149 12.11 11.40 -10.89
C LEU A 149 13.61 11.20 -11.02
N PHE A 150 13.98 9.94 -11.18
CA PHE A 150 15.36 9.61 -11.43
C PHE A 150 15.74 9.99 -12.84
N VAL A 151 16.92 10.55 -12.98
CA VAL A 151 17.48 10.88 -14.26
C VAL A 151 17.69 9.57 -15.04
N GLN A 152 18.15 8.53 -14.35
CA GLN A 152 18.27 7.18 -14.88
C GLN A 152 17.87 6.18 -13.79
N SER A 153 16.99 5.29 -14.11
CA SER A 153 16.50 4.34 -13.12
C SER A 153 17.19 2.97 -13.15
N ASP A 154 18.34 2.90 -13.80
CA ASP A 154 19.10 1.66 -13.88
C ASP A 154 19.50 1.17 -12.50
N TYR A 155 19.54 -0.14 -12.34
CA TYR A 155 19.81 -0.74 -11.05
C TYR A 155 20.59 -2.03 -11.25
N THR A 156 21.23 -2.46 -10.17
CA THR A 156 21.76 -3.81 -10.08
C THR A 156 20.91 -4.59 -9.10
N GLU A 157 20.55 -5.81 -9.47
CA GLU A 157 19.76 -6.67 -8.61
C GLU A 157 20.73 -7.59 -7.88
N ALA A 158 20.92 -7.33 -6.58
CA ALA A 158 21.87 -8.06 -5.77
C ALA A 158 21.16 -8.95 -4.78
N TYR A 159 21.80 -10.07 -4.45
CA TYR A 159 21.32 -10.90 -3.36
C TYR A 159 21.55 -10.20 -2.04
N ASN A 160 20.47 -9.92 -1.31
CA ASN A 160 20.59 -9.33 0.01
C ASN A 160 20.31 -10.42 1.03
N PRO A 161 21.35 -10.89 1.70
CA PRO A 161 21.25 -11.90 2.75
C PRO A 161 20.40 -11.43 3.91
N LYS A 162 20.38 -10.15 4.22
CA LYS A 162 19.48 -9.65 5.25
C LYS A 162 18.27 -8.98 4.59
N ILE A 163 17.16 -9.67 4.39
CA ILE A 163 17.13 -11.06 4.55
C ILE A 163 16.44 -11.75 3.43
N LYS A 164 17.32 -12.49 2.79
CA LYS A 164 17.15 -13.50 1.81
C LYS A 164 16.27 -13.24 0.67
N ARG A 165 16.46 -12.08 0.10
CA ARG A 165 15.73 -11.66 -1.03
C ARG A 165 16.63 -10.91 -1.97
N ASP A 166 16.38 -10.99 -3.26
CA ASP A 166 17.03 -10.09 -4.21
C ASP A 166 16.45 -8.69 -4.08
N GLU A 167 17.32 -7.70 -4.15
CA GLU A 167 16.97 -6.30 -3.95
C GLU A 167 17.61 -5.50 -5.07
N ARG A 168 16.93 -4.42 -5.47
CA ARG A 168 17.44 -3.53 -6.52
C ARG A 168 18.15 -2.34 -5.88
N THR A 169 19.34 -2.05 -6.38
CA THR A 169 20.12 -0.92 -5.90
C THR A 169 20.35 0.04 -7.05
N LEU A 170 19.98 1.30 -6.84
CA LEU A 170 20.23 2.37 -7.80
C LEU A 170 21.68 2.41 -8.21
N ILE A 171 21.92 2.53 -9.52
CA ILE A 171 23.28 2.83 -9.97
C ILE A 171 23.59 4.31 -9.75
N ASN A 172 22.69 5.19 -10.17
CA ASN A 172 22.87 6.63 -10.01
C ASN A 172 21.61 7.20 -9.40
N PRO A 173 21.70 7.82 -8.20
CA PRO A 173 20.50 8.35 -7.55
C PRO A 173 20.13 9.78 -7.91
N ASP A 174 20.73 10.37 -8.94
CA ASP A 174 20.39 11.73 -9.34
C ASP A 174 18.92 11.87 -9.69
N ILE A 175 18.30 12.97 -9.27
CA ILE A 175 16.89 13.20 -9.50
C ILE A 175 16.69 14.54 -10.19
N LYS A 176 15.45 14.76 -10.63
CA LYS A 176 14.93 16.06 -11.00
C LYS A 176 13.52 16.20 -10.46
N VAL A 177 13.10 17.44 -10.25
CA VAL A 177 11.75 17.77 -9.77
C VAL A 177 10.88 18.09 -10.97
N VAL A 178 9.66 17.61 -10.95
CA VAL A 178 8.71 17.79 -12.04
C VAL A 178 7.39 18.39 -11.55
N ASP A 179 6.55 18.76 -12.49
CA ASP A 179 5.27 19.32 -12.20
C ASP A 179 5.12 20.73 -11.63
N PHE A 180 5.42 21.70 -12.44
CA PHE A 180 5.29 23.07 -12.06
C PHE A 180 3.90 23.75 -12.29
N GLY A 181 2.90 22.95 -12.60
CA GLY A 181 1.55 23.44 -12.86
C GLY A 181 0.82 23.98 -11.65
N SER A 182 1.26 23.65 -10.44
CA SER A 182 0.68 24.19 -9.23
C SER A 182 1.56 25.25 -8.59
N ALA A 183 2.76 25.47 -9.12
CA ALA A 183 3.70 26.41 -8.53
C ALA A 183 3.12 27.81 -8.48
N THR A 184 3.37 28.50 -7.38
CA THR A 184 2.67 29.75 -7.05
C THR A 184 3.68 30.80 -6.62
N TYR A 185 3.62 31.98 -7.24
CA TYR A 185 4.51 33.07 -6.88
C TYR A 185 4.03 33.75 -5.61
N ASP A 186 4.99 34.38 -4.90
CA ASP A 186 4.67 35.04 -3.63
C ASP A 186 3.48 35.99 -3.76
N ASP A 187 3.43 36.77 -4.85
CA ASP A 187 2.42 37.81 -5.02
C ASP A 187 1.17 37.34 -5.75
N GLU A 188 1.09 36.07 -6.11
CA GLU A 188 -0.05 35.53 -6.84
C GLU A 188 -1.14 35.02 -5.88
N HIS A 189 -2.30 34.73 -6.46
CA HIS A 189 -3.38 34.08 -5.71
C HIS A 189 -2.93 32.72 -5.21
N HIS A 190 -3.21 32.44 -3.94
CA HIS A 190 -2.88 31.15 -3.33
C HIS A 190 -4.15 30.31 -3.23
N SER A 191 -4.13 29.12 -3.83
CA SER A 191 -5.25 28.19 -3.70
C SER A 191 -5.51 27.86 -2.23
N THR A 192 -6.77 27.61 -1.93
CA THR A 192 -7.18 27.24 -0.57
C THR A 192 -6.53 25.94 -0.13
N LEU A 193 -6.52 24.95 -1.00
CA LEU A 193 -6.04 23.61 -0.66
C LEU A 193 -4.93 23.24 -1.63
N VAL A 194 -3.76 22.92 -1.10
CA VAL A 194 -2.65 22.50 -1.95
C VAL A 194 -2.06 21.21 -1.38
N SER A 195 -1.19 20.60 -2.19
CA SER A 195 -0.43 19.40 -1.88
C SER A 195 -1.32 18.15 -1.89
N THR A 196 -0.69 17.01 -2.08
CA THR A 196 -1.36 15.73 -1.95
C THR A 196 -1.43 15.40 -0.46
N ARG A 197 -2.54 14.79 -0.04
CA ARG A 197 -2.88 14.76 1.39
C ARG A 197 -1.73 14.32 2.29
N HIS A 198 -1.09 13.19 1.98
CA HIS A 198 -0.06 12.68 2.88
C HIS A 198 1.16 13.58 3.00
N TYR A 199 1.28 14.59 2.16
CA TYR A 199 2.42 15.51 2.15
C TYR A 199 2.00 16.91 2.51
N ARG A 200 0.77 17.07 2.98
CA ARG A 200 0.16 18.39 3.17
C ARG A 200 0.51 18.94 4.54
N ALA A 201 0.93 20.20 4.58
CA ALA A 201 1.38 20.81 5.82
C ALA A 201 0.19 21.19 6.70
N PRO A 202 0.39 21.29 8.02
CA PRO A 202 -0.74 21.60 8.91
C PRO A 202 -1.35 22.97 8.65
N GLU A 203 -0.56 23.97 8.26
CA GLU A 203 -1.16 25.27 7.96
C GLU A 203 -2.11 25.20 6.78
N VAL A 204 -1.91 24.22 5.88
CA VAL A 204 -2.86 24.05 4.78
C VAL A 204 -4.15 23.40 5.29
N ILE A 205 -4.01 22.33 6.09
CA ILE A 205 -5.16 21.64 6.68
C ILE A 205 -6.01 22.60 7.51
N LEU A 206 -5.37 23.49 8.28
CA LEU A 206 -6.09 24.41 9.13
C LEU A 206 -6.47 25.72 8.43
N ALA A 207 -6.14 25.84 7.14
CA ALA A 207 -6.50 27.00 6.31
C ALA A 207 -5.99 28.30 6.92
N LEU A 208 -4.75 28.29 7.40
CA LEU A 208 -4.13 29.46 8.00
C LEU A 208 -3.37 30.30 6.98
N GLY A 209 -3.35 29.91 5.72
CA GLY A 209 -2.43 30.52 4.79
C GLY A 209 -1.13 29.74 4.72
N TRP A 210 -0.54 29.73 3.53
CA TRP A 210 0.68 28.98 3.34
C TRP A 210 1.61 29.79 2.45
N SER A 211 2.89 29.43 2.49
CA SER A 211 3.92 30.07 1.71
C SER A 211 4.98 29.01 1.46
N GLN A 212 6.22 29.45 1.19
CA GLN A 212 7.31 28.50 0.96
C GLN A 212 7.45 27.41 2.02
N PRO A 213 7.28 27.68 3.33
CA PRO A 213 7.48 26.59 4.31
C PRO A 213 6.62 25.34 4.08
N CYS A 214 5.47 25.45 3.39
CA CYS A 214 4.68 24.24 3.19
C CYS A 214 5.42 23.24 2.30
N ASP A 215 6.31 23.72 1.42
CA ASP A 215 7.18 22.83 0.65
C ASP A 215 8.11 22.06 1.57
N VAL A 216 8.63 22.74 2.61
CA VAL A 216 9.56 22.09 3.52
C VAL A 216 8.88 20.97 4.29
N TRP A 217 7.64 21.19 4.72
CA TRP A 217 6.87 20.13 5.37
C TRP A 217 6.75 18.91 4.45
N SER A 218 6.40 19.14 3.18
CA SER A 218 6.28 18.01 2.25
C SER A 218 7.59 17.27 2.10
N ILE A 219 8.72 17.99 2.04
CA ILE A 219 10.01 17.33 1.90
C ILE A 219 10.29 16.47 3.12
N GLY A 220 9.96 16.98 4.31
CA GLY A 220 10.10 16.16 5.52
C GLY A 220 9.33 14.86 5.42
N CYS A 221 8.09 14.92 4.91
CA CYS A 221 7.31 13.70 4.71
C CYS A 221 7.94 12.79 3.67
N ILE A 222 8.46 13.37 2.60
CA ILE A 222 9.13 12.58 1.59
C ILE A 222 10.32 11.84 2.18
N LEU A 223 11.13 12.54 3.00
CA LEU A 223 12.34 11.91 3.54
C LEU A 223 12.00 10.72 4.43
N ILE A 224 10.97 10.83 5.28
CA ILE A 224 10.62 9.69 6.14
C ILE A 224 10.17 8.53 5.28
N GLU A 225 9.42 8.81 4.22
CA GLU A 225 8.96 7.76 3.31
C GLU A 225 10.14 7.05 2.64
N TYR A 226 11.15 7.82 2.21
CA TYR A 226 12.34 7.19 1.64
C TYR A 226 13.03 6.30 2.66
N TYR A 227 13.02 6.72 3.92
CA TYR A 227 13.71 6.00 4.98
C TYR A 227 12.95 4.73 5.38
N LEU A 228 11.63 4.80 5.42
CA LEU A 228 10.81 3.69 5.90
C LEU A 228 10.31 2.78 4.79
N GLY A 229 10.08 3.34 3.60
CA GLY A 229 9.41 2.62 2.55
C GLY A 229 7.90 2.76 2.56
N PHE A 230 7.33 3.43 3.58
CA PHE A 230 5.89 3.63 3.69
C PHE A 230 5.63 5.01 4.29
N THR A 231 4.39 5.49 4.13
CA THR A 231 4.05 6.80 4.67
C THR A 231 3.70 6.70 6.16
N VAL A 232 4.09 7.72 6.93
CA VAL A 232 3.68 7.75 8.33
C VAL A 232 2.29 8.33 8.51
N PHE A 233 1.63 8.73 7.41
CA PHE A 233 0.29 9.31 7.46
C PHE A 233 -0.65 8.49 6.58
N PRO A 234 -0.95 7.20 6.96
CA PRO A 234 -1.84 6.38 6.12
C PRO A 234 -3.32 6.68 6.35
N THR A 235 -3.77 7.81 5.79
CA THR A 235 -5.08 8.36 6.10
C THR A 235 -5.71 9.02 4.88
N HIS A 236 -7.04 9.08 4.86
CA HIS A 236 -7.75 9.89 3.86
C HIS A 236 -8.75 10.83 4.52
N ASP A 237 -8.47 11.26 5.75
CA ASP A 237 -9.38 12.11 6.51
C ASP A 237 -8.57 13.15 7.27
N SER A 238 -9.01 14.42 7.23
CA SER A 238 -8.22 15.52 7.76
C SER A 238 -8.06 15.45 9.27
N LYS A 239 -9.13 15.16 10.00
CA LYS A 239 -8.99 15.13 11.46
C LYS A 239 -8.10 13.98 11.90
N GLU A 240 -8.25 12.81 11.26
CA GLU A 240 -7.35 11.70 11.56
C GLU A 240 -5.91 12.05 11.23
N HIS A 241 -5.70 12.76 10.13
CA HIS A 241 -4.36 13.21 9.76
C HIS A 241 -3.75 14.07 10.86
N LEU A 242 -4.54 14.99 11.42
CA LEU A 242 -4.08 15.79 12.56
C LEU A 242 -3.80 14.91 13.77
N ALA A 243 -4.63 13.90 14.02
CA ALA A 243 -4.37 13.00 15.14
C ALA A 243 -3.08 12.23 14.93
N MET A 244 -2.78 11.86 13.68
CA MET A 244 -1.53 11.19 13.39
C MET A 244 -0.33 12.09 13.65
N MET A 245 -0.41 13.36 13.20
CA MET A 245 0.64 14.33 13.51
C MET A 245 0.90 14.40 15.01
N GLU A 246 -0.17 14.51 15.80
CA GLU A 246 0.01 14.66 17.25
C GLU A 246 0.64 13.41 17.85
N ARG A 247 0.34 12.25 17.28
CA ARG A 247 0.92 11.01 17.75
C ARG A 247 2.42 10.96 17.43
N ILE A 248 2.81 11.47 16.27
CA ILE A 248 4.20 11.47 15.82
C ILE A 248 4.98 12.66 16.37
N LEU A 249 4.35 13.83 16.47
CA LEU A 249 5.09 15.06 16.73
C LEU A 249 4.75 15.75 18.04
N GLY A 250 3.74 15.30 18.77
CA GLY A 250 3.28 16.00 19.95
C GLY A 250 2.14 16.92 19.62
N PRO A 251 1.55 17.55 20.64
CA PRO A 251 0.33 18.34 20.41
C PRO A 251 0.56 19.52 19.48
N LEU A 252 -0.48 19.85 18.71
CA LEU A 252 -0.46 21.05 17.89
C LEU A 252 -0.29 22.29 18.77
N PRO A 253 0.41 23.30 18.27
CA PRO A 253 0.55 24.55 19.04
C PRO A 253 -0.79 25.25 19.23
N LYS A 254 -1.00 25.76 20.45
CA LYS A 254 -2.28 26.40 20.76
C LYS A 254 -2.54 27.61 19.88
N HIS A 255 -1.50 28.36 19.49
CA HIS A 255 -1.75 29.56 18.69
C HIS A 255 -2.30 29.19 17.33
N MET A 256 -1.82 28.09 16.75
CA MET A 256 -2.39 27.65 15.48
C MET A 256 -3.84 27.19 15.67
N ILE A 257 -4.13 26.54 16.80
CA ILE A 257 -5.48 26.03 17.03
C ILE A 257 -6.48 27.16 17.21
N GLN A 258 -6.11 28.23 17.92
CA GLN A 258 -7.14 29.26 18.06
C GLN A 258 -7.26 30.15 16.83
N LYS A 259 -6.29 30.14 15.92
CA LYS A 259 -6.42 30.92 14.70
C LYS A 259 -7.27 30.23 13.65
N THR A 260 -7.36 28.91 13.65
CA THR A 260 -8.06 28.23 12.59
C THR A 260 -9.58 28.43 12.70
N ARG A 261 -10.25 28.45 11.55
CA ARG A 261 -11.69 28.40 11.49
C ARG A 261 -12.22 26.97 11.36
N LYS A 262 -11.34 25.98 11.33
CA LYS A 262 -11.72 24.57 11.20
C LYS A 262 -12.21 24.02 12.54
N ARG A 263 -13.29 24.63 13.04
CA ARG A 263 -13.70 24.35 14.42
C ARG A 263 -14.19 22.93 14.61
N LYS A 264 -14.63 22.27 13.53
CA LYS A 264 -15.09 20.89 13.63
C LYS A 264 -13.99 19.94 14.12
N TYR A 265 -12.71 20.31 13.98
CA TYR A 265 -11.64 19.42 14.42
C TYR A 265 -11.30 19.57 15.90
N PHE A 266 -11.89 20.52 16.62
CA PHE A 266 -11.39 20.88 17.95
C PHE A 266 -12.51 20.98 18.97
N HIS A 267 -12.15 20.67 20.22
CA HIS A 267 -13.01 20.78 21.38
C HIS A 267 -12.19 21.43 22.49
N HIS A 268 -12.61 22.59 22.97
CA HIS A 268 -11.86 23.35 23.99
C HIS A 268 -10.44 23.66 23.53
N ASP A 269 -10.30 24.01 22.25
CA ASP A 269 -9.01 24.32 21.64
C ASP A 269 -8.01 23.18 21.84
N ARG A 270 -8.52 21.96 21.74
CA ARG A 270 -7.68 20.78 21.60
C ARG A 270 -8.34 19.87 20.58
N LEU A 271 -7.54 19.06 19.90
CA LEU A 271 -8.06 18.21 18.84
C LEU A 271 -9.17 17.30 19.36
N ASP A 272 -10.29 17.26 18.64
CA ASP A 272 -11.45 16.49 19.08
C ASP A 272 -11.26 15.03 18.66
N TRP A 273 -10.48 14.30 19.46
CA TRP A 273 -10.02 12.97 19.07
C TRP A 273 -10.07 12.02 20.25
N ASP A 274 -10.78 10.90 20.08
CA ASP A 274 -10.85 9.83 21.07
C ASP A 274 -9.78 8.79 20.73
N GLU A 275 -8.70 8.74 21.51
CA GLU A 275 -7.64 7.79 21.24
C GLU A 275 -8.08 6.34 21.42
N HIS A 276 -9.20 6.10 22.11
CA HIS A 276 -9.71 4.76 22.34
C HIS A 276 -10.93 4.44 21.47
N SER A 277 -11.26 5.31 20.52
CA SER A 277 -12.17 4.92 19.47
C SER A 277 -11.49 3.93 18.55
N SER A 278 -12.26 3.31 17.66
CA SER A 278 -11.66 2.42 16.67
C SER A 278 -10.62 3.16 15.84
N ALA A 279 -10.97 4.36 15.33
CA ALA A 279 -9.98 5.10 14.55
C ALA A 279 -8.78 5.49 15.41
N GLY A 280 -9.00 5.77 16.69
CA GLY A 280 -7.88 6.07 17.58
C GLY A 280 -6.92 4.90 17.73
N ARG A 281 -7.44 3.68 17.83
CA ARG A 281 -6.53 2.55 17.95
C ARG A 281 -5.83 2.27 16.63
N TYR A 282 -6.48 2.56 15.50
CA TYR A 282 -5.78 2.51 14.21
C TYR A 282 -4.59 3.47 14.18
N VAL A 283 -4.82 4.72 14.61
CA VAL A 283 -3.74 5.70 14.62
C VAL A 283 -2.62 5.24 15.54
N SER A 284 -2.97 4.72 16.72
CA SER A 284 -1.94 4.30 17.69
C SER A 284 -1.09 3.16 17.16
N ARG A 285 -1.65 2.31 16.31
CA ARG A 285 -0.90 1.20 15.75
C ARG A 285 -0.10 1.60 14.53
N ALA A 286 -0.59 2.56 13.76
CA ALA A 286 0.09 2.96 12.55
C ALA A 286 1.17 4.01 12.81
N CYS A 287 0.99 4.83 13.86
CA CYS A 287 1.87 5.95 14.13
C CYS A 287 2.45 5.86 15.53
N LYS A 288 3.61 6.47 15.72
CA LYS A 288 4.28 6.54 17.01
C LYS A 288 5.22 7.72 16.98
N PRO A 289 5.75 8.13 18.13
CA PRO A 289 6.67 9.30 18.15
C PRO A 289 7.79 9.17 17.12
N LEU A 290 8.15 10.31 16.51
CA LEU A 290 8.98 10.31 15.32
C LEU A 290 10.26 9.49 15.51
N LYS A 291 11.00 9.75 16.58
CA LYS A 291 12.29 9.09 16.76
C LYS A 291 12.15 7.59 17.02
N GLU A 292 10.97 7.12 17.42
CA GLU A 292 10.77 5.68 17.55
C GLU A 292 10.76 4.97 16.20
N PHE A 293 10.65 5.70 15.08
CA PHE A 293 10.79 5.13 13.75
C PHE A 293 12.24 4.88 13.35
N MET A 294 13.22 5.46 14.05
CA MET A 294 14.62 5.24 13.68
C MET A 294 14.97 3.77 13.80
N LEU A 295 15.68 3.26 12.80
CA LEU A 295 16.12 1.87 12.80
C LEU A 295 17.54 1.72 13.30
N SER A 296 18.20 2.81 13.65
CA SER A 296 19.54 2.80 14.22
C SER A 296 19.73 4.06 15.03
N GLN A 297 20.57 3.98 16.06
CA GLN A 297 20.97 5.14 16.85
C GLN A 297 22.26 5.77 16.36
N ASP A 298 22.83 5.25 15.28
CA ASP A 298 24.03 5.80 14.66
C ASP A 298 23.84 7.28 14.37
N VAL A 299 24.96 8.02 14.40
CA VAL A 299 24.89 9.48 14.40
C VAL A 299 24.27 10.01 13.11
N GLU A 300 24.50 9.34 11.98
CA GLU A 300 23.96 9.84 10.73
C GLU A 300 22.46 9.55 10.59
N HIS A 301 21.98 8.45 11.15
CA HIS A 301 20.54 8.32 11.33
C HIS A 301 20.01 9.41 12.24
N GLU A 302 20.75 9.73 13.30
CA GLU A 302 20.33 10.77 14.24
C GLU A 302 20.25 12.13 13.55
N ARG A 303 21.19 12.42 12.65
CA ARG A 303 21.14 13.72 12.00
C ARG A 303 20.04 13.79 10.96
N LEU A 304 19.81 12.69 10.23
CA LEU A 304 18.65 12.64 9.34
C LEU A 304 17.37 12.95 10.11
N PHE A 305 17.18 12.31 11.26
CA PHE A 305 15.93 12.51 12.00
C PHE A 305 15.88 13.87 12.68
N ASP A 306 17.04 14.44 13.01
CA ASP A 306 17.05 15.84 13.43
C ASP A 306 16.60 16.76 12.29
N LEU A 307 17.07 16.49 11.06
CA LEU A 307 16.64 17.31 9.93
C LEU A 307 15.14 17.17 9.69
N ILE A 308 14.65 15.91 9.66
CA ILE A 308 13.23 15.65 9.46
C ILE A 308 12.40 16.35 10.51
N GLN A 309 12.83 16.28 11.78
CA GLN A 309 12.05 16.92 12.84
C GLN A 309 11.97 18.42 12.63
N LYS A 310 13.06 19.03 12.17
CA LYS A 310 13.04 20.47 11.90
C LYS A 310 12.15 20.80 10.71
N MET A 311 12.10 19.94 9.70
CA MET A 311 11.20 20.16 8.57
C MET A 311 9.74 19.95 8.96
N LEU A 312 9.48 19.07 9.94
CA LEU A 312 8.13 18.83 10.43
C LEU A 312 7.81 19.66 11.67
N GLU A 313 8.39 20.85 11.79
CA GLU A 313 7.96 21.82 12.79
C GLU A 313 6.56 22.33 12.42
N TYR A 314 5.65 22.31 13.41
CA TYR A 314 4.26 22.69 13.17
C TYR A 314 4.12 24.13 12.69
N ASP A 315 4.82 25.05 13.32
CA ASP A 315 4.67 26.48 13.05
C ASP A 315 5.47 26.83 11.81
N PRO A 316 4.81 27.19 10.69
CA PRO A 316 5.58 27.46 9.47
C PRO A 316 6.57 28.59 9.64
N ALA A 317 6.37 29.49 10.61
CA ALA A 317 7.33 30.56 10.84
C ALA A 317 8.60 30.07 11.54
N LYS A 318 8.53 28.95 12.26
CA LYS A 318 9.68 28.37 12.93
C LYS A 318 10.31 27.22 12.17
N ARG A 319 9.65 26.70 11.14
CA ARG A 319 10.19 25.59 10.36
C ARG A 319 11.51 25.99 9.71
N ILE A 320 12.44 25.04 9.64
CA ILE A 320 13.73 25.26 8.99
C ILE A 320 13.49 25.68 7.53
N THR A 321 14.28 26.65 7.06
CA THR A 321 14.22 26.99 5.64
C THR A 321 15.14 26.06 4.86
N LEU A 322 14.92 25.99 3.54
CA LEU A 322 15.78 25.12 2.75
C LEU A 322 17.19 25.66 2.66
N ARG A 323 17.37 26.98 2.70
CA ARG A 323 18.72 27.53 2.79
C ARG A 323 19.44 27.00 4.03
N GLU A 324 18.75 27.01 5.17
CA GLU A 324 19.32 26.44 6.39
C GLU A 324 19.43 24.91 6.31
N ALA A 325 18.43 24.25 5.68
CA ALA A 325 18.48 22.79 5.57
C ALA A 325 19.73 22.34 4.81
N LEU A 326 20.12 23.10 3.78
CA LEU A 326 21.24 22.72 2.93
C LEU A 326 22.57 22.71 3.68
N LYS A 327 22.65 23.37 4.83
CA LYS A 327 23.86 23.38 5.65
C LYS A 327 23.79 22.37 6.79
N HIS A 328 22.79 21.49 6.79
CA HIS A 328 22.56 20.62 7.92
C HIS A 328 23.63 19.53 7.96
N PRO A 329 24.05 19.11 9.17
CA PRO A 329 25.13 18.11 9.29
C PRO A 329 24.86 16.83 8.53
N PHE A 330 23.58 16.52 8.28
CA PHE A 330 23.25 15.30 7.57
C PHE A 330 23.92 15.24 6.20
N PHE A 331 24.16 16.39 5.56
CA PHE A 331 24.69 16.45 4.22
C PHE A 331 26.23 16.49 4.14
N ASP A 332 26.94 16.27 5.25
CA ASP A 332 28.39 16.49 5.26
C ASP A 332 29.14 15.47 4.41
N LEU A 333 28.77 14.19 4.51
CA LEU A 333 29.48 13.15 3.77
C LEU A 333 29.32 13.35 2.26
N LEU A 334 28.50 14.33 1.87
CA LEU A 334 28.40 14.70 0.46
C LEU A 334 29.49 15.68 0.06
N LYS A 335 29.83 16.61 0.95
CA LYS A 335 30.90 17.57 0.69
C LYS A 335 32.26 17.01 1.12
N GLY B 8 20.98 -17.58 17.18
CA GLY B 8 19.98 -18.61 17.32
C GLY B 8 19.92 -19.28 18.68
N ASP B 9 18.94 -18.88 19.49
CA ASP B 9 18.53 -19.72 20.61
C ASP B 9 18.15 -21.09 20.07
N VAL B 10 18.44 -22.13 20.84
CA VAL B 10 18.17 -23.50 20.41
C VAL B 10 17.00 -24.04 21.22
N LEU B 11 16.00 -24.56 20.51
CA LEU B 11 14.77 -25.07 21.10
C LEU B 11 14.78 -26.59 21.06
N SER B 12 14.15 -27.20 22.06
CA SER B 12 14.01 -28.67 22.16
C SER B 12 15.35 -29.37 22.00
N ALA B 13 16.45 -28.62 22.16
CA ALA B 13 17.82 -29.09 22.00
C ALA B 13 18.15 -29.53 20.57
N ARG B 14 17.23 -29.34 19.63
CA ARG B 14 17.53 -29.73 18.25
C ARG B 14 17.33 -28.62 17.23
N TYR B 15 16.50 -27.62 17.50
CA TYR B 15 16.14 -26.61 16.52
C TYR B 15 16.92 -25.32 16.77
N GLU B 16 17.78 -24.96 15.83
CA GLU B 16 18.55 -23.73 15.91
C GLU B 16 17.91 -22.67 15.03
N ILE B 17 17.50 -21.56 15.65
CA ILE B 17 16.88 -20.47 14.92
C ILE B 17 17.92 -19.84 13.99
N VAL B 18 17.58 -19.73 12.71
CA VAL B 18 18.45 -19.05 11.75
C VAL B 18 17.83 -17.80 11.17
N ASP B 19 16.56 -17.50 11.46
CA ASP B 19 15.83 -16.52 10.67
C ASP B 19 14.43 -16.31 11.22
N THR B 20 13.96 -15.06 11.29
CA THR B 20 12.57 -14.80 11.66
C THR B 20 11.78 -14.60 10.37
N LEU B 21 10.78 -15.45 10.16
CA LEU B 21 10.03 -15.41 8.90
C LEU B 21 8.85 -14.44 8.94
N GLY B 22 8.28 -14.25 10.11
CA GLY B 22 7.13 -13.37 10.23
C GLY B 22 6.71 -13.29 11.68
N GLU B 23 5.98 -12.23 11.98
CA GLU B 23 5.69 -11.80 13.33
C GLU B 23 4.25 -11.33 13.41
N GLY B 24 3.59 -11.61 14.53
CA GLY B 24 2.22 -11.18 14.68
C GLY B 24 1.83 -11.07 16.14
N ALA B 25 0.53 -10.84 16.35
CA ALA B 25 0.01 -10.78 17.71
C ALA B 25 0.27 -12.08 18.47
N PHE B 26 0.30 -13.21 17.76
CA PHE B 26 0.44 -14.51 18.40
C PHE B 26 1.84 -14.77 18.93
N GLY B 27 2.84 -14.14 18.32
CA GLY B 27 4.23 -14.48 18.53
C GLY B 27 4.99 -14.36 17.21
N LYS B 28 5.83 -15.32 16.90
CA LYS B 28 6.61 -15.28 15.66
C LYS B 28 6.72 -16.67 15.07
N VAL B 29 7.01 -16.70 13.77
CA VAL B 29 7.39 -17.94 13.09
C VAL B 29 8.84 -17.78 12.66
N VAL B 30 9.67 -18.72 13.09
CA VAL B 30 11.10 -18.68 12.79
C VAL B 30 11.45 -19.86 11.89
N GLU B 31 12.54 -19.69 11.13
CA GLU B 31 13.11 -20.79 10.36
C GLU B 31 14.21 -21.42 11.20
N CYS B 32 14.24 -22.75 11.27
CA CYS B 32 15.17 -23.46 12.13
C CYS B 32 15.92 -24.54 11.37
N ILE B 33 17.17 -24.74 11.78
CA ILE B 33 17.93 -25.93 11.41
C ILE B 33 17.58 -27.03 12.39
N ASP B 34 17.31 -28.23 11.88
CA ASP B 34 17.09 -29.40 12.73
C ASP B 34 18.43 -30.12 12.88
N HIS B 35 19.06 -29.98 14.05
CA HIS B 35 20.40 -30.53 14.23
C HIS B 35 20.39 -32.05 14.40
N LYS B 36 19.26 -32.63 14.78
CA LYS B 36 19.18 -34.09 14.91
C LYS B 36 18.74 -34.77 13.63
N ALA B 37 17.76 -34.22 12.94
CA ALA B 37 17.30 -34.83 11.70
C ALA B 37 18.19 -34.48 10.53
N GLY B 38 18.81 -33.30 10.55
CA GLY B 38 19.45 -32.80 9.36
C GLY B 38 18.41 -32.56 8.27
N GLY B 39 18.92 -32.32 7.06
CA GLY B 39 18.05 -32.14 5.92
C GLY B 39 17.39 -30.76 5.90
N ARG B 40 16.17 -30.72 5.35
CA ARG B 40 15.47 -29.46 5.15
C ARG B 40 15.32 -28.70 6.46
N HIS B 41 15.38 -27.37 6.37
CA HIS B 41 14.97 -26.55 7.49
C HIS B 41 13.48 -26.73 7.75
N VAL B 42 13.04 -26.23 8.91
CA VAL B 42 11.64 -26.29 9.31
C VAL B 42 11.20 -24.89 9.73
N ALA B 43 9.88 -24.72 9.80
CA ALA B 43 9.27 -23.50 10.33
C ALA B 43 8.73 -23.80 11.72
N VAL B 44 9.02 -22.91 12.67
CA VAL B 44 8.61 -23.13 14.05
C VAL B 44 7.83 -21.91 14.50
N LYS B 45 6.58 -22.12 14.90
CA LYS B 45 5.76 -21.07 15.48
C LYS B 45 5.98 -21.04 16.99
N ILE B 46 6.48 -19.92 17.51
CA ILE B 46 6.73 -19.72 18.93
C ILE B 46 5.66 -18.77 19.45
N VAL B 47 4.79 -19.26 20.32
CA VAL B 47 3.61 -18.53 20.75
C VAL B 47 3.95 -17.75 22.03
N LYS B 48 3.45 -16.52 22.13
CA LYS B 48 3.63 -15.74 23.34
C LYS B 48 3.08 -16.48 24.54
N ASN B 49 3.71 -16.29 25.70
CA ASN B 49 3.17 -16.86 26.93
C ASN B 49 2.09 -15.93 27.47
N VAL B 50 1.00 -15.84 26.72
CA VAL B 50 -0.17 -15.06 27.06
C VAL B 50 -1.37 -15.96 26.86
N ASP B 51 -2.33 -15.89 27.79
CA ASP B 51 -3.42 -16.86 27.84
C ASP B 51 -4.13 -17.03 26.50
N ARG B 52 -4.55 -15.91 25.89
CA ARG B 52 -5.39 -16.01 24.69
C ARG B 52 -4.63 -16.64 23.53
N TYR B 53 -3.32 -16.44 23.46
CA TYR B 53 -2.56 -17.01 22.36
C TYR B 53 -2.19 -18.46 22.63
N CYS B 54 -1.95 -18.82 23.90
CA CYS B 54 -1.75 -20.22 24.25
C CYS B 54 -2.98 -21.04 23.88
N GLU B 55 -4.16 -20.58 24.31
CA GLU B 55 -5.39 -21.30 24.02
C GLU B 55 -5.61 -21.47 22.52
N ALA B 56 -5.36 -20.41 21.75
CA ALA B 56 -5.47 -20.54 20.30
C ALA B 56 -4.49 -21.56 19.74
N ALA B 57 -3.25 -21.55 20.25
CA ALA B 57 -2.25 -22.49 19.75
C ALA B 57 -2.63 -23.92 20.12
N ARG B 58 -3.18 -24.10 21.32
CA ARG B 58 -3.64 -25.42 21.73
C ARG B 58 -4.77 -25.92 20.84
N SER B 59 -5.68 -25.02 20.47
CA SER B 59 -6.76 -25.37 19.55
C SER B 59 -6.19 -25.70 18.17
N GLU B 60 -5.22 -24.92 17.71
CA GLU B 60 -4.59 -25.22 16.43
C GLU B 60 -3.99 -26.61 16.44
N ILE B 61 -3.28 -26.97 17.52
CA ILE B 61 -2.67 -28.29 17.61
C ILE B 61 -3.74 -29.38 17.53
N GLN B 62 -4.86 -29.20 18.22
CA GLN B 62 -5.93 -30.19 18.17
C GLN B 62 -6.51 -30.29 16.78
N VAL B 63 -6.71 -29.15 16.10
CA VAL B 63 -7.26 -29.19 14.74
C VAL B 63 -6.28 -29.88 13.81
N LEU B 64 -4.99 -29.52 13.90
CA LEU B 64 -4.00 -30.09 13.00
C LEU B 64 -3.79 -31.57 13.28
N GLU B 65 -3.88 -31.99 14.55
CA GLU B 65 -3.76 -33.42 14.83
C GLU B 65 -4.89 -34.21 14.19
N HIS B 66 -6.12 -33.67 14.22
CA HIS B 66 -7.23 -34.36 13.58
C HIS B 66 -7.13 -34.30 12.05
N LEU B 67 -6.66 -33.17 11.51
CA LEU B 67 -6.46 -33.10 10.07
C LEU B 67 -5.39 -34.07 9.60
N ASN B 68 -4.28 -34.19 10.35
CA ASN B 68 -3.24 -35.14 9.98
C ASN B 68 -3.75 -36.58 9.99
N THR B 69 -4.63 -36.92 10.92
CA THR B 69 -5.19 -38.27 10.93
C THR B 69 -6.04 -38.52 9.70
N THR B 70 -6.89 -37.55 9.33
CA THR B 70 -7.78 -37.70 8.19
C THR B 70 -7.04 -37.58 6.87
N ASP B 71 -6.05 -36.70 6.81
CA ASP B 71 -5.36 -36.34 5.57
C ASP B 71 -3.85 -36.31 5.79
N PRO B 72 -3.24 -37.46 6.08
CA PRO B 72 -1.83 -37.45 6.48
C PRO B 72 -0.89 -36.96 5.39
N ASN B 73 -1.31 -37.00 4.13
CA ASN B 73 -0.47 -36.60 3.02
C ASN B 73 -0.79 -35.21 2.52
N SER B 74 -1.65 -34.48 3.24
CA SER B 74 -1.93 -33.09 2.91
C SER B 74 -2.48 -33.01 1.49
N THR B 75 -3.33 -33.98 1.15
CA THR B 75 -4.02 -33.96 -0.14
C THR B 75 -4.77 -32.66 -0.31
N PHE B 76 -5.37 -32.17 0.77
CA PHE B 76 -6.18 -30.96 0.78
C PHE B 76 -5.41 -29.74 1.23
N ARG B 77 -4.08 -29.81 1.23
CA ARG B 77 -3.20 -28.64 1.21
C ARG B 77 -3.33 -27.78 2.46
N CYS B 78 -3.67 -28.36 3.60
CA CYS B 78 -3.42 -27.69 4.85
C CYS B 78 -1.96 -27.90 5.23
N VAL B 79 -1.33 -26.86 5.78
CA VAL B 79 0.06 -26.99 6.21
C VAL B 79 0.22 -28.16 7.18
N GLN B 80 1.38 -28.82 7.11
CA GLN B 80 1.63 -30.01 7.91
C GLN B 80 2.38 -29.66 9.18
N MET B 81 1.77 -29.98 10.31
CA MET B 81 2.45 -29.91 11.60
C MET B 81 3.30 -31.17 11.78
N LEU B 82 4.59 -30.98 12.10
CA LEU B 82 5.50 -32.10 12.28
C LEU B 82 5.59 -32.55 13.72
N GLU B 83 5.52 -31.62 14.67
CA GLU B 83 5.52 -31.91 16.10
C GLU B 83 5.23 -30.60 16.83
N TRP B 84 5.04 -30.71 18.14
CA TRP B 84 4.90 -29.53 18.99
C TRP B 84 5.50 -29.84 20.35
N PHE B 85 5.86 -28.78 21.07
CA PHE B 85 6.45 -28.91 22.40
C PHE B 85 6.34 -27.56 23.11
N GLU B 86 6.84 -27.52 24.33
CA GLU B 86 6.87 -26.32 25.17
C GLU B 86 8.31 -26.00 25.56
N HIS B 87 8.62 -24.71 25.67
CA HIS B 87 10.00 -24.28 25.92
C HIS B 87 9.98 -22.91 26.58
N HIS B 88 10.50 -22.84 27.81
CA HIS B 88 10.45 -21.64 28.65
C HIS B 88 9.06 -21.00 28.64
N GLY B 89 8.05 -21.86 28.77
CA GLY B 89 6.68 -21.43 28.85
C GLY B 89 5.99 -21.18 27.52
N HIS B 90 6.72 -21.18 26.41
CA HIS B 90 6.14 -20.95 25.10
C HIS B 90 5.77 -22.28 24.44
N ILE B 91 4.56 -22.34 23.90
CA ILE B 91 4.19 -23.42 23.00
C ILE B 91 4.89 -23.20 21.67
N CYS B 92 5.48 -24.26 21.12
CA CYS B 92 6.24 -24.20 19.88
C CYS B 92 5.70 -25.29 18.96
N ILE B 93 5.25 -24.90 17.77
CA ILE B 93 4.68 -25.83 16.80
C ILE B 93 5.61 -25.87 15.61
N VAL B 94 6.10 -27.07 15.27
CA VAL B 94 7.03 -27.27 14.17
C VAL B 94 6.23 -27.61 12.91
N PHE B 95 6.43 -26.83 11.86
CA PHE B 95 5.75 -26.99 10.58
C PHE B 95 6.76 -27.31 9.48
N GLU B 96 6.30 -27.99 8.44
CA GLU B 96 7.03 -27.98 7.18
C GLU B 96 7.31 -26.55 6.75
N LEU B 97 8.51 -26.34 6.23
CA LEU B 97 8.88 -25.01 5.78
C LEU B 97 8.27 -24.75 4.41
N LEU B 98 7.47 -23.68 4.32
CA LEU B 98 6.88 -23.23 3.07
C LEU B 98 7.61 -21.98 2.59
N GLY B 99 7.27 -21.54 1.39
CA GLY B 99 7.85 -20.34 0.82
C GLY B 99 7.09 -19.09 1.24
N LEU B 100 7.20 -18.06 0.41
CA LEU B 100 6.55 -16.80 0.72
C LEU B 100 5.04 -16.93 0.64
N SER B 101 4.35 -16.07 1.39
CA SER B 101 2.91 -15.98 1.26
C SER B 101 2.55 -15.38 -0.09
N THR B 102 1.31 -15.61 -0.52
CA THR B 102 0.87 -15.02 -1.77
C THR B 102 0.87 -13.49 -1.68
N TYR B 103 0.60 -12.94 -0.50
CA TYR B 103 0.73 -11.49 -0.32
C TYR B 103 2.18 -11.03 -0.51
N ASP B 104 3.11 -11.69 0.20
CA ASP B 104 4.54 -11.37 0.06
C ASP B 104 4.97 -11.35 -1.40
N PHE B 105 4.49 -12.31 -2.20
CA PHE B 105 4.95 -12.41 -3.59
C PHE B 105 4.44 -11.23 -4.41
N ILE B 106 3.15 -10.91 -4.29
CA ILE B 106 2.57 -9.75 -4.99
C ILE B 106 3.30 -8.48 -4.59
N LYS B 107 3.49 -8.28 -3.28
CA LYS B 107 4.21 -7.10 -2.79
C LYS B 107 5.61 -7.01 -3.40
N GLU B 108 6.37 -8.11 -3.31
CA GLU B 108 7.72 -8.10 -3.84
C GLU B 108 7.76 -7.94 -5.35
N ASN B 109 6.69 -8.31 -6.04
CA ASN B 109 6.54 -8.04 -7.46
C ASN B 109 6.07 -6.61 -7.75
N GLY B 110 6.07 -5.73 -6.75
CA GLY B 110 5.60 -4.37 -6.98
C GLY B 110 4.10 -4.29 -7.16
N PHE B 111 3.36 -5.24 -6.56
CA PHE B 111 1.90 -5.33 -6.61
C PHE B 111 1.38 -5.56 -8.02
N LEU B 112 2.18 -6.22 -8.85
CA LEU B 112 1.66 -6.74 -10.11
C LEU B 112 0.77 -7.95 -9.81
N PRO B 113 -0.38 -8.06 -10.47
CA PRO B 113 -1.28 -9.16 -10.17
C PRO B 113 -0.73 -10.48 -10.67
N PHE B 114 -1.31 -11.55 -10.17
CA PHE B 114 -0.97 -12.88 -10.65
C PHE B 114 -1.52 -13.11 -12.06
N ARG B 115 -0.80 -13.91 -12.84
CA ARG B 115 -1.28 -14.30 -14.16
C ARG B 115 -2.52 -15.18 -14.00
N LEU B 116 -3.43 -15.15 -14.98
CA LEU B 116 -4.77 -15.71 -14.75
C LEU B 116 -4.77 -17.24 -14.59
N ASP B 117 -3.92 -17.96 -15.31
CA ASP B 117 -3.83 -19.40 -15.09
C ASP B 117 -3.27 -19.73 -13.72
N HIS B 118 -2.43 -18.85 -13.17
CA HIS B 118 -1.97 -19.07 -11.80
C HIS B 118 -3.10 -18.85 -10.80
N ILE B 119 -3.87 -17.77 -10.99
CA ILE B 119 -5.05 -17.55 -10.16
C ILE B 119 -5.96 -18.77 -10.18
N ARG B 120 -6.17 -19.35 -11.38
CA ARG B 120 -7.06 -20.49 -11.48
C ARG B 120 -6.59 -21.66 -10.63
N LYS B 121 -5.29 -22.01 -10.73
CA LYS B 121 -4.77 -23.12 -9.93
C LYS B 121 -4.83 -22.79 -8.44
N MET B 122 -4.45 -21.57 -8.07
CA MET B 122 -4.40 -21.19 -6.66
C MET B 122 -5.80 -21.16 -6.05
N ALA B 123 -6.75 -20.50 -6.74
CA ALA B 123 -8.13 -20.47 -6.28
C ALA B 123 -8.67 -21.89 -6.11
N TYR B 124 -8.36 -22.78 -7.05
CA TYR B 124 -8.86 -24.14 -6.94
C TYR B 124 -8.32 -24.81 -5.69
N GLN B 125 -7.01 -24.71 -5.45
CA GLN B 125 -6.41 -25.34 -4.29
C GLN B 125 -6.89 -24.71 -3.00
N ILE B 126 -7.13 -23.40 -2.99
CA ILE B 126 -7.68 -22.77 -1.80
C ILE B 126 -9.08 -23.29 -1.52
N CYS B 127 -9.94 -23.28 -2.53
CA CYS B 127 -11.31 -23.75 -2.34
C CYS B 127 -11.33 -25.19 -1.89
N LYS B 128 -10.45 -26.03 -2.45
CA LYS B 128 -10.49 -27.44 -2.08
C LYS B 128 -9.98 -27.65 -0.65
N SER B 129 -8.96 -26.90 -0.26
CA SER B 129 -8.48 -26.89 1.12
C SER B 129 -9.58 -26.45 2.10
N VAL B 130 -10.19 -25.30 1.84
CA VAL B 130 -11.20 -24.80 2.77
C VAL B 130 -12.48 -25.63 2.71
N ASN B 131 -12.81 -26.20 1.55
CA ASN B 131 -13.96 -27.11 1.50
C ASN B 131 -13.73 -28.35 2.37
N PHE B 132 -12.49 -28.85 2.40
CA PHE B 132 -12.14 -29.96 3.29
C PHE B 132 -12.37 -29.59 4.74
N LEU B 133 -11.97 -28.37 5.12
CA LEU B 133 -12.30 -27.89 6.46
C LEU B 133 -13.80 -27.85 6.68
N HIS B 134 -14.54 -27.28 5.72
CA HIS B 134 -15.99 -27.18 5.85
C HIS B 134 -16.64 -28.57 5.95
N SER B 135 -16.12 -29.55 5.20
CA SER B 135 -16.64 -30.92 5.27
C SER B 135 -16.45 -31.52 6.64
N ASN B 136 -15.51 -31.00 7.41
CA ASN B 136 -15.20 -31.48 8.74
C ASN B 136 -15.74 -30.57 9.83
N LYS B 137 -16.78 -29.79 9.49
CA LYS B 137 -17.50 -28.93 10.42
C LYS B 137 -16.61 -27.82 10.98
N LEU B 138 -15.67 -27.33 10.18
CA LEU B 138 -14.73 -26.30 10.60
C LEU B 138 -14.85 -25.08 9.71
N THR B 139 -14.74 -23.90 10.31
CA THR B 139 -14.62 -22.65 9.57
C THR B 139 -13.26 -22.04 9.91
N HIS B 140 -12.51 -21.63 8.90
CA HIS B 140 -11.17 -21.09 9.13
C HIS B 140 -11.25 -19.75 9.87
N THR B 141 -12.03 -18.80 9.33
CA THR B 141 -12.41 -17.47 9.80
C THR B 141 -11.35 -16.39 9.55
N ASP B 142 -10.12 -16.72 9.16
CA ASP B 142 -9.10 -15.70 8.96
C ASP B 142 -8.35 -15.93 7.65
N LEU B 143 -9.11 -16.23 6.60
CA LEU B 143 -8.49 -16.40 5.29
C LEU B 143 -8.07 -15.06 4.72
N LYS B 144 -6.85 -14.98 4.24
CA LYS B 144 -6.29 -13.78 3.65
C LYS B 144 -5.03 -14.19 2.91
N PRO B 145 -4.52 -13.34 2.01
CA PRO B 145 -3.37 -13.78 1.19
C PRO B 145 -2.14 -14.05 2.03
N GLU B 146 -2.04 -13.43 3.20
CA GLU B 146 -0.94 -13.68 4.11
C GLU B 146 -0.97 -15.08 4.70
N ASN B 147 -2.14 -15.74 4.72
CA ASN B 147 -2.28 -17.10 5.24
C ASN B 147 -2.33 -18.16 4.15
N ILE B 148 -2.09 -17.76 2.90
CA ILE B 148 -1.93 -18.68 1.78
C ILE B 148 -0.48 -18.63 1.39
N LEU B 149 0.24 -19.74 1.55
CA LEU B 149 1.67 -19.74 1.31
C LEU B 149 2.02 -20.67 0.16
N PHE B 150 2.95 -20.21 -0.68
CA PHE B 150 3.48 -21.07 -1.73
C PHE B 150 4.36 -22.16 -1.12
N VAL B 151 4.23 -23.36 -1.68
CA VAL B 151 5.12 -24.47 -1.34
C VAL B 151 6.56 -24.15 -1.73
N GLN B 152 6.73 -23.54 -2.92
CA GLN B 152 8.01 -23.05 -3.42
C GLN B 152 7.74 -21.70 -4.06
N SER B 153 8.43 -20.67 -3.61
CA SER B 153 8.23 -19.35 -4.19
C SER B 153 9.30 -19.03 -5.23
N ASP B 154 9.99 -20.05 -5.74
CA ASP B 154 10.93 -19.90 -6.85
C ASP B 154 10.28 -19.18 -8.02
N TYR B 155 11.07 -18.36 -8.72
CA TYR B 155 10.54 -17.57 -9.82
C TYR B 155 11.63 -17.35 -10.86
N THR B 156 11.20 -16.96 -12.05
CA THR B 156 12.09 -16.47 -13.10
C THR B 156 11.73 -15.04 -13.42
N GLU B 157 12.74 -14.24 -13.71
CA GLU B 157 12.55 -12.84 -14.06
C GLU B 157 12.54 -12.70 -15.57
N ALA B 158 11.43 -12.20 -16.11
CA ALA B 158 11.31 -11.93 -17.53
C ALA B 158 11.06 -10.45 -17.75
N TYR B 159 11.72 -9.88 -18.75
CA TYR B 159 11.34 -8.56 -19.20
C TYR B 159 9.98 -8.67 -19.87
N ASN B 160 8.94 -8.21 -19.20
CA ASN B 160 7.67 -7.93 -19.86
C ASN B 160 7.85 -6.63 -20.65
N PRO B 161 7.56 -6.64 -21.93
CA PRO B 161 7.68 -5.39 -22.67
C PRO B 161 6.38 -4.61 -22.52
N LYS B 162 5.35 -5.29 -22.05
CA LYS B 162 4.02 -4.77 -21.85
C LYS B 162 4.06 -3.66 -20.86
N ILE B 163 4.79 -3.91 -19.80
CA ILE B 163 4.95 -2.94 -18.77
C ILE B 163 6.32 -2.35 -18.91
N LYS B 164 7.20 -2.90 -19.73
CA LYS B 164 8.53 -2.27 -19.81
C LYS B 164 9.37 -2.31 -18.55
N ARG B 165 9.20 -3.41 -17.85
CA ARG B 165 9.89 -3.67 -16.62
C ARG B 165 10.13 -5.14 -16.52
N ASP B 166 11.13 -5.52 -15.74
CA ASP B 166 11.27 -6.91 -15.36
C ASP B 166 10.19 -7.30 -14.36
N GLU B 167 9.68 -8.52 -14.49
CA GLU B 167 8.59 -9.02 -13.67
C GLU B 167 8.89 -10.47 -13.31
N ARG B 168 8.44 -10.88 -12.12
CA ARG B 168 8.65 -12.24 -11.63
C ARG B 168 7.46 -13.11 -11.95
N THR B 169 7.73 -14.32 -12.42
CA THR B 169 6.69 -15.30 -12.67
C THR B 169 6.99 -16.55 -11.87
N LEU B 170 5.98 -17.03 -11.14
CA LEU B 170 6.12 -18.24 -10.35
C LEU B 170 6.45 -19.43 -11.23
N ILE B 171 7.38 -20.26 -10.77
CA ILE B 171 7.62 -21.55 -11.43
C ILE B 171 6.50 -22.53 -11.11
N ASN B 172 6.16 -22.65 -9.82
CA ASN B 172 5.13 -23.55 -9.35
C ASN B 172 4.17 -22.76 -8.46
N PRO B 173 2.89 -22.68 -8.81
CA PRO B 173 1.94 -21.91 -7.98
C PRO B 173 1.24 -22.69 -6.88
N ASP B 174 1.68 -23.93 -6.59
CA ASP B 174 1.07 -24.71 -5.51
C ASP B 174 1.10 -23.95 -4.19
N ILE B 175 0.01 -24.02 -3.44
CA ILE B 175 -0.09 -23.34 -2.17
C ILE B 175 -0.46 -24.33 -1.07
N LYS B 176 -0.42 -23.82 0.17
CA LYS B 176 -1.06 -24.42 1.32
C LYS B 176 -1.67 -23.33 2.19
N VAL B 177 -2.68 -23.72 2.96
CA VAL B 177 -3.37 -22.82 3.88
C VAL B 177 -2.76 -23.00 5.27
N VAL B 178 -2.49 -21.88 5.96
CA VAL B 178 -1.88 -21.92 7.28
C VAL B 178 -2.80 -21.20 8.26
N ASP B 179 -2.43 -21.30 9.54
CA ASP B 179 -3.08 -20.62 10.67
C ASP B 179 -4.45 -21.08 11.12
N PHE B 180 -4.52 -22.28 11.71
CA PHE B 180 -5.76 -22.79 12.26
C PHE B 180 -6.07 -22.44 13.72
N GLY B 181 -5.41 -21.41 14.24
CA GLY B 181 -5.65 -20.94 15.59
C GLY B 181 -6.98 -20.24 15.81
N SER B 182 -7.62 -19.79 14.73
CA SER B 182 -8.94 -19.17 14.84
C SER B 182 -10.03 -20.11 14.37
N ALA B 183 -9.66 -21.27 13.84
CA ALA B 183 -10.64 -22.16 13.24
C ALA B 183 -11.64 -22.64 14.28
N THR B 184 -12.90 -22.70 13.87
CA THR B 184 -14.03 -22.87 14.79
C THR B 184 -14.94 -23.99 14.29
N TYR B 185 -15.27 -24.94 15.17
CA TYR B 185 -16.20 -26.01 14.83
C TYR B 185 -17.65 -25.52 14.88
N ASP B 186 -18.52 -26.17 14.09
CA ASP B 186 -19.93 -25.76 14.02
C ASP B 186 -20.55 -25.62 15.41
N ASP B 187 -20.24 -26.56 16.31
CA ASP B 187 -20.86 -26.73 17.61
C ASP B 187 -20.25 -25.86 18.70
N GLU B 188 -19.14 -25.21 18.43
CA GLU B 188 -18.34 -24.52 19.43
C GLU B 188 -18.67 -23.03 19.45
N HIS B 189 -18.19 -22.35 20.50
CA HIS B 189 -18.41 -20.91 20.65
C HIS B 189 -17.85 -20.15 19.46
N HIS B 190 -18.65 -19.24 18.91
CA HIS B 190 -18.24 -18.40 17.78
C HIS B 190 -17.88 -17.01 18.31
N SER B 191 -16.65 -16.58 18.06
CA SER B 191 -16.24 -15.23 18.41
C SER B 191 -17.14 -14.20 17.73
N THR B 192 -17.35 -13.09 18.43
CA THR B 192 -18.14 -11.97 17.91
C THR B 192 -17.55 -11.42 16.61
N LEU B 193 -16.25 -11.17 16.60
CA LEU B 193 -15.57 -10.55 15.48
C LEU B 193 -14.52 -11.52 14.95
N VAL B 194 -14.59 -11.83 13.66
CA VAL B 194 -13.59 -12.68 13.04
C VAL B 194 -13.09 -12.03 11.75
N SER B 195 -12.01 -12.61 11.22
CA SER B 195 -11.39 -12.22 9.96
C SER B 195 -10.63 -10.91 10.09
N THR B 196 -9.69 -10.71 9.18
CA THR B 196 -9.01 -9.45 9.03
C THR B 196 -9.90 -8.53 8.21
N ARG B 197 -9.89 -7.23 8.53
CA ARG B 197 -10.99 -6.35 8.10
C ARG B 197 -11.27 -6.44 6.60
N HIS B 198 -10.24 -6.31 5.76
CA HIS B 198 -10.49 -6.27 4.32
C HIS B 198 -11.07 -7.57 3.77
N TYR B 199 -11.07 -8.63 4.55
CA TYR B 199 -11.58 -9.93 4.11
C TYR B 199 -12.82 -10.34 4.87
N ARG B 200 -13.39 -9.41 5.64
CA ARG B 200 -14.44 -9.71 6.59
C ARG B 200 -15.81 -9.65 5.93
N ALA B 201 -16.62 -10.67 6.16
CA ALA B 201 -17.92 -10.78 5.51
C ALA B 201 -18.94 -9.82 6.14
N PRO B 202 -19.98 -9.44 5.39
CA PRO B 202 -20.97 -8.49 5.93
C PRO B 202 -21.72 -9.02 7.15
N GLU B 203 -21.98 -10.34 7.21
CA GLU B 203 -22.69 -10.84 8.39
C GLU B 203 -21.85 -10.67 9.64
N VAL B 204 -20.52 -10.64 9.50
CA VAL B 204 -19.67 -10.42 10.67
C VAL B 204 -19.73 -8.96 11.10
N ILE B 205 -19.59 -8.04 10.12
CA ILE B 205 -19.69 -6.60 10.38
C ILE B 205 -21.02 -6.25 11.04
N LEU B 206 -22.11 -6.87 10.58
CA LEU B 206 -23.44 -6.58 11.12
C LEU B 206 -23.79 -7.43 12.33
N ALA B 207 -22.87 -8.27 12.78
CA ALA B 207 -23.05 -9.11 13.98
C ALA B 207 -24.31 -9.95 13.89
N LEU B 208 -24.53 -10.55 12.73
CA LEU B 208 -25.70 -11.39 12.50
C LEU B 208 -25.46 -12.86 12.82
N GLY B 209 -24.26 -13.23 13.22
CA GLY B 209 -23.89 -14.63 13.24
C GLY B 209 -23.19 -15.04 11.96
N TRP B 210 -22.24 -15.94 12.10
CA TRP B 210 -21.50 -16.38 10.93
C TRP B 210 -21.28 -17.88 11.03
N SER B 211 -20.95 -18.48 9.90
CA SER B 211 -20.68 -19.90 9.80
C SER B 211 -19.74 -20.08 8.62
N GLN B 212 -19.75 -21.28 8.02
CA GLN B 212 -18.89 -21.55 6.88
C GLN B 212 -18.94 -20.49 5.77
N PRO B 213 -20.10 -19.91 5.42
CA PRO B 213 -20.11 -18.92 4.33
C PRO B 213 -19.19 -17.72 4.55
N CYS B 214 -18.81 -17.37 5.78
CA CYS B 214 -17.93 -16.20 5.89
C CYS B 214 -16.55 -16.50 5.28
N ASP B 215 -16.13 -17.78 5.26
CA ASP B 215 -14.89 -18.13 4.57
C ASP B 215 -14.99 -17.88 3.07
N VAL B 216 -16.16 -18.15 2.49
CA VAL B 216 -16.33 -17.97 1.05
C VAL B 216 -16.20 -16.49 0.68
N TRP B 217 -16.77 -15.61 1.49
CA TRP B 217 -16.62 -14.18 1.28
C TRP B 217 -15.15 -13.79 1.26
N SER B 218 -14.38 -14.25 2.26
CA SER B 218 -12.95 -13.94 2.30
C SER B 218 -12.24 -14.43 1.04
N ILE B 219 -12.58 -15.62 0.58
CA ILE B 219 -11.96 -16.14 -0.64
C ILE B 219 -12.28 -15.23 -1.83
N GLY B 220 -13.54 -14.79 -1.93
CA GLY B 220 -13.90 -13.83 -2.97
C GLY B 220 -13.01 -12.60 -2.95
N CYS B 221 -12.79 -12.06 -1.75
CA CYS B 221 -11.90 -10.89 -1.61
C CYS B 221 -10.47 -11.24 -2.00
N ILE B 222 -10.01 -12.42 -1.62
CA ILE B 222 -8.67 -12.85 -1.99
C ILE B 222 -8.55 -12.90 -3.51
N LEU B 223 -9.55 -13.49 -4.18
CA LEU B 223 -9.42 -13.65 -5.62
C LEU B 223 -9.36 -12.31 -6.33
N ILE B 224 -10.14 -11.32 -5.90
CA ILE B 224 -10.08 -10.00 -6.53
C ILE B 224 -8.70 -9.39 -6.35
N GLU B 225 -8.10 -9.56 -5.16
CA GLU B 225 -6.77 -9.04 -4.89
C GLU B 225 -5.71 -9.70 -5.76
N TYR B 226 -5.83 -11.01 -5.97
CA TYR B 226 -4.89 -11.67 -6.86
C TYR B 226 -5.01 -11.12 -8.28
N TYR B 227 -6.24 -10.82 -8.70
CA TYR B 227 -6.50 -10.36 -10.06
C TYR B 227 -6.03 -8.92 -10.28
N LEU B 228 -6.28 -8.04 -9.30
CA LEU B 228 -5.95 -6.62 -9.40
C LEU B 228 -4.57 -6.26 -8.87
N GLY B 229 -4.08 -6.97 -7.86
CA GLY B 229 -2.87 -6.56 -7.17
C GLY B 229 -3.11 -5.60 -6.02
N PHE B 230 -4.35 -5.23 -5.75
CA PHE B 230 -4.66 -4.35 -4.64
C PHE B 230 -6.04 -4.71 -4.12
N THR B 231 -6.32 -4.28 -2.89
CA THR B 231 -7.61 -4.58 -2.28
C THR B 231 -8.68 -3.63 -2.80
N VAL B 232 -9.89 -4.15 -2.99
CA VAL B 232 -11.01 -3.28 -3.35
C VAL B 232 -11.65 -2.64 -2.12
N PHE B 233 -11.19 -2.97 -0.92
CA PHE B 233 -11.70 -2.38 0.31
C PHE B 233 -10.58 -1.69 1.07
N PRO B 234 -10.04 -0.55 0.53
CA PRO B 234 -8.95 0.18 1.21
C PRO B 234 -9.44 1.05 2.35
N THR B 235 -9.81 0.40 3.47
CA THR B 235 -10.51 1.06 4.56
C THR B 235 -10.09 0.52 5.93
N HIS B 236 -10.24 1.37 6.95
CA HIS B 236 -10.08 0.89 8.33
C HIS B 236 -11.28 1.28 9.18
N ASP B 237 -12.46 1.41 8.57
CA ASP B 237 -13.66 1.85 9.27
C ASP B 237 -14.86 1.02 8.79
N SER B 238 -15.67 0.52 9.72
CA SER B 238 -16.74 -0.41 9.37
C SER B 238 -17.81 0.21 8.47
N LYS B 239 -18.27 1.41 8.80
CA LYS B 239 -19.32 2.00 7.97
C LYS B 239 -18.81 2.31 6.57
N GLU B 240 -17.58 2.81 6.47
CA GLU B 240 -16.99 3.05 5.15
C GLU B 240 -16.86 1.73 4.38
N HIS B 241 -16.45 0.66 5.07
CA HIS B 241 -16.35 -0.65 4.45
C HIS B 241 -17.69 -1.06 3.85
N LEU B 242 -18.79 -0.84 4.58
CA LEU B 242 -20.13 -1.11 4.06
C LEU B 242 -20.47 -0.21 2.88
N ALA B 243 -20.04 1.04 2.91
CA ALA B 243 -20.27 1.92 1.76
C ALA B 243 -19.49 1.44 0.55
N MET B 244 -18.28 0.92 0.76
CA MET B 244 -17.52 0.37 -0.35
C MET B 244 -18.22 -0.86 -0.93
N MET B 245 -18.72 -1.76 -0.08
CA MET B 245 -19.49 -2.89 -0.57
C MET B 245 -20.64 -2.42 -1.46
N GLU B 246 -21.43 -1.45 -0.98
CA GLU B 246 -22.59 -1.01 -1.75
C GLU B 246 -22.17 -0.41 -3.10
N ARG B 247 -21.01 0.24 -3.13
CA ARG B 247 -20.51 0.81 -4.38
C ARG B 247 -20.11 -0.29 -5.37
N ILE B 248 -19.50 -1.37 -4.86
CA ILE B 248 -19.06 -2.47 -5.71
C ILE B 248 -20.20 -3.45 -6.02
N LEU B 249 -21.07 -3.71 -5.06
CA LEU B 249 -22.00 -4.81 -5.17
C LEU B 249 -23.46 -4.38 -5.21
N GLY B 250 -23.77 -3.10 -4.99
CA GLY B 250 -25.15 -2.65 -4.90
C GLY B 250 -25.62 -2.66 -3.47
N PRO B 251 -26.87 -2.22 -3.24
CA PRO B 251 -27.33 -2.01 -1.86
C PRO B 251 -27.41 -3.30 -1.06
N LEU B 252 -27.13 -3.20 0.24
CA LEU B 252 -27.29 -4.31 1.15
C LEU B 252 -28.76 -4.77 1.14
N PRO B 253 -29.01 -6.06 1.35
CA PRO B 253 -30.40 -6.54 1.42
C PRO B 253 -31.12 -5.98 2.64
N LYS B 254 -32.38 -5.59 2.44
CA LYS B 254 -33.14 -4.97 3.52
C LYS B 254 -33.27 -5.91 4.72
N HIS B 255 -33.40 -7.22 4.49
CA HIS B 255 -33.63 -8.12 5.61
C HIS B 255 -32.40 -8.23 6.50
N MET B 256 -31.20 -8.07 5.92
CA MET B 256 -30.00 -8.03 6.76
C MET B 256 -29.94 -6.72 7.54
N ILE B 257 -30.33 -5.61 6.92
CA ILE B 257 -30.33 -4.32 7.61
C ILE B 257 -31.35 -4.31 8.75
N GLN B 258 -32.51 -4.93 8.53
CA GLN B 258 -33.52 -4.94 9.59
C GLN B 258 -33.08 -5.79 10.78
N LYS B 259 -32.28 -6.83 10.57
CA LYS B 259 -31.91 -7.73 11.65
C LYS B 259 -30.71 -7.25 12.46
N THR B 260 -29.84 -6.43 11.89
CA THR B 260 -28.67 -6.00 12.63
C THR B 260 -29.04 -5.07 13.80
N ARG B 261 -28.26 -5.16 14.87
CA ARG B 261 -28.32 -4.19 15.96
C ARG B 261 -27.33 -3.05 15.78
N LYS B 262 -26.53 -3.06 14.71
CA LYS B 262 -25.53 -2.02 14.43
C LYS B 262 -26.23 -0.77 13.90
N ARG B 263 -27.07 -0.18 14.76
CA ARG B 263 -27.97 0.88 14.32
C ARG B 263 -27.21 2.13 13.89
N LYS B 264 -26.02 2.35 14.45
CA LYS B 264 -25.23 3.53 14.11
C LYS B 264 -24.88 3.59 12.62
N TYR B 265 -24.92 2.45 11.90
CA TYR B 265 -24.57 2.47 10.48
C TYR B 265 -25.74 2.86 9.58
N PHE B 266 -26.96 2.95 10.10
CA PHE B 266 -28.14 3.00 9.22
C PHE B 266 -29.08 4.14 9.61
N HIS B 267 -29.84 4.59 8.61
CA HIS B 267 -30.87 5.61 8.79
C HIS B 267 -32.04 5.23 7.89
N HIS B 268 -33.21 5.03 8.50
CA HIS B 268 -34.40 4.60 7.76
C HIS B 268 -34.11 3.35 6.94
N ASP B 269 -33.42 2.41 7.58
CA ASP B 269 -33.13 1.09 7.02
C ASP B 269 -32.37 1.20 5.69
N ARG B 270 -31.49 2.21 5.60
CA ARG B 270 -30.53 2.33 4.53
C ARG B 270 -29.21 2.82 5.14
N LEU B 271 -28.11 2.50 4.47
CA LEU B 271 -26.80 2.89 4.99
C LEU B 271 -26.73 4.40 5.18
N ASP B 272 -26.25 4.83 6.34
CA ASP B 272 -26.16 6.26 6.65
C ASP B 272 -24.84 6.80 6.10
N TRP B 273 -24.86 7.11 4.81
CA TRP B 273 -23.64 7.43 4.07
C TRP B 273 -23.93 8.58 3.13
N ASP B 274 -23.12 9.63 3.22
CA ASP B 274 -23.18 10.76 2.30
C ASP B 274 -22.16 10.55 1.20
N GLU B 275 -22.63 10.20 0.00
CA GLU B 275 -21.75 10.01 -1.15
C GLU B 275 -20.94 11.26 -1.49
N HIS B 276 -21.42 12.44 -1.09
CA HIS B 276 -20.76 13.70 -1.42
C HIS B 276 -19.98 14.28 -0.24
N SER B 277 -19.84 13.52 0.84
CA SER B 277 -18.87 13.86 1.86
C SER B 277 -17.46 13.60 1.32
N SER B 278 -16.46 14.06 2.08
CA SER B 278 -15.09 13.76 1.72
C SER B 278 -14.84 12.25 1.69
N ALA B 279 -15.30 11.53 2.73
CA ALA B 279 -15.13 10.07 2.70
C ALA B 279 -15.94 9.45 1.56
N GLY B 280 -17.10 10.03 1.23
CA GLY B 280 -17.87 9.54 0.10
C GLY B 280 -17.12 9.69 -1.22
N ARG B 281 -16.45 10.83 -1.43
CA ARG B 281 -15.66 11.01 -2.64
C ARG B 281 -14.50 10.02 -2.69
N TYR B 282 -13.89 9.75 -1.53
CA TYR B 282 -12.82 8.75 -1.48
C TYR B 282 -13.33 7.38 -1.92
N VAL B 283 -14.49 6.97 -1.40
CA VAL B 283 -15.06 5.67 -1.76
C VAL B 283 -15.33 5.62 -3.26
N SER B 284 -15.91 6.69 -3.82
CA SER B 284 -16.24 6.71 -5.23
C SER B 284 -15.00 6.64 -6.10
N ARG B 285 -13.88 7.15 -5.61
CA ARG B 285 -12.63 7.09 -6.37
C ARG B 285 -11.97 5.72 -6.25
N ALA B 286 -12.04 5.11 -5.08
CA ALA B 286 -11.35 3.85 -4.85
C ALA B 286 -12.15 2.65 -5.34
N CYS B 287 -13.47 2.76 -5.37
CA CYS B 287 -14.35 1.62 -5.63
C CYS B 287 -15.30 1.94 -6.77
N LYS B 288 -15.72 0.89 -7.46
CA LYS B 288 -16.66 1.00 -8.57
C LYS B 288 -17.35 -0.35 -8.73
N PRO B 289 -18.44 -0.43 -9.50
CA PRO B 289 -19.15 -1.71 -9.65
C PRO B 289 -18.20 -2.82 -10.06
N LEU B 290 -18.47 -4.03 -9.54
CA LEU B 290 -17.52 -5.12 -9.57
C LEU B 290 -17.00 -5.40 -10.96
N LYS B 291 -17.90 -5.59 -11.93
CA LYS B 291 -17.47 -5.98 -13.27
C LYS B 291 -16.70 -4.87 -13.98
N GLU B 292 -16.79 -3.62 -13.51
CA GLU B 292 -15.97 -2.55 -14.06
C GLU B 292 -14.49 -2.73 -13.72
N PHE B 293 -14.16 -3.59 -12.75
CA PHE B 293 -12.77 -3.93 -12.47
C PHE B 293 -12.17 -4.89 -13.48
N MET B 294 -12.98 -5.56 -14.29
CA MET B 294 -12.44 -6.50 -15.27
C MET B 294 -11.51 -5.79 -16.25
N LEU B 295 -10.38 -6.43 -16.51
CA LEU B 295 -9.41 -5.91 -17.48
C LEU B 295 -9.57 -6.53 -18.86
N SER B 296 -10.49 -7.48 -19.02
CA SER B 296 -10.78 -8.09 -20.30
C SER B 296 -12.22 -8.60 -20.28
N GLN B 297 -12.86 -8.62 -21.46
CA GLN B 297 -14.18 -9.20 -21.60
C GLN B 297 -14.13 -10.65 -22.05
N ASP B 298 -12.93 -11.22 -22.18
CA ASP B 298 -12.74 -12.61 -22.55
C ASP B 298 -13.53 -13.52 -21.60
N VAL B 299 -13.95 -14.68 -22.11
CA VAL B 299 -14.92 -15.50 -21.40
C VAL B 299 -14.35 -15.97 -20.06
N GLU B 300 -13.05 -16.23 -19.99
CA GLU B 300 -12.48 -16.77 -18.76
C GLU B 300 -12.34 -15.69 -17.71
N HIS B 301 -12.07 -14.44 -18.12
CA HIS B 301 -12.23 -13.33 -17.18
C HIS B 301 -13.67 -13.20 -16.72
N GLU B 302 -14.63 -13.38 -17.64
CA GLU B 302 -16.03 -13.27 -17.26
C GLU B 302 -16.43 -14.38 -16.28
N ARG B 303 -15.82 -15.56 -16.41
CA ARG B 303 -16.19 -16.64 -15.50
C ARG B 303 -15.53 -16.47 -14.14
N LEU B 304 -14.29 -15.98 -14.10
CA LEU B 304 -13.70 -15.61 -12.82
C LEU B 304 -14.59 -14.60 -12.10
N PHE B 305 -15.07 -13.59 -12.83
CA PHE B 305 -15.84 -12.55 -12.17
C PHE B 305 -17.25 -13.00 -11.81
N ASP B 306 -17.80 -13.96 -12.58
CA ASP B 306 -19.03 -14.63 -12.14
C ASP B 306 -18.81 -15.40 -10.85
N LEU B 307 -17.69 -16.11 -10.73
CA LEU B 307 -17.40 -16.83 -9.48
C LEU B 307 -17.24 -15.87 -8.31
N ILE B 308 -16.41 -14.83 -8.49
CA ILE B 308 -16.21 -13.81 -7.45
C ILE B 308 -17.55 -13.22 -7.04
N GLN B 309 -18.38 -12.87 -8.02
CA GLN B 309 -19.71 -12.33 -7.73
C GLN B 309 -20.51 -13.29 -6.85
N LYS B 310 -20.48 -14.58 -7.17
CA LYS B 310 -21.22 -15.54 -6.36
C LYS B 310 -20.62 -15.68 -4.96
N MET B 311 -19.29 -15.54 -4.84
CA MET B 311 -18.69 -15.59 -3.51
C MET B 311 -18.99 -14.33 -2.70
N LEU B 312 -19.17 -13.19 -3.37
CA LEU B 312 -19.50 -11.95 -2.69
C LEU B 312 -21.00 -11.68 -2.64
N GLU B 313 -21.82 -12.73 -2.63
CA GLU B 313 -23.24 -12.56 -2.37
C GLU B 313 -23.42 -12.13 -0.91
N TYR B 314 -24.26 -11.10 -0.69
CA TYR B 314 -24.41 -10.50 0.64
C TYR B 314 -25.01 -11.48 1.65
N ASP B 315 -26.05 -12.20 1.24
CA ASP B 315 -26.79 -13.09 2.13
C ASP B 315 -26.02 -14.39 2.29
N PRO B 316 -25.46 -14.68 3.46
CA PRO B 316 -24.68 -15.93 3.61
C PRO B 316 -25.48 -17.17 3.24
N ALA B 317 -26.81 -17.13 3.33
CA ALA B 317 -27.60 -18.32 2.99
C ALA B 317 -27.68 -18.54 1.49
N LYS B 318 -27.50 -17.48 0.69
CA LYS B 318 -27.52 -17.59 -0.76
C LYS B 318 -26.13 -17.67 -1.38
N ARG B 319 -25.08 -17.40 -0.61
CA ARG B 319 -23.73 -17.39 -1.15
C ARG B 319 -23.35 -18.80 -1.63
N ILE B 320 -22.58 -18.86 -2.72
CA ILE B 320 -22.13 -20.13 -3.26
C ILE B 320 -21.34 -20.89 -2.19
N THR B 321 -21.56 -22.20 -2.11
CA THR B 321 -20.74 -23.03 -1.24
C THR B 321 -19.47 -23.42 -1.96
N LEU B 322 -18.46 -23.84 -1.19
CA LEU B 322 -17.22 -24.20 -1.85
C LEU B 322 -17.38 -25.52 -2.61
N ARG B 323 -18.28 -26.40 -2.17
CA ARG B 323 -18.58 -27.58 -2.97
C ARG B 323 -19.12 -27.18 -4.35
N GLU B 324 -20.02 -26.19 -4.37
CA GLU B 324 -20.51 -25.65 -5.64
C GLU B 324 -19.42 -24.90 -6.38
N ALA B 325 -18.57 -24.16 -5.65
CA ALA B 325 -17.53 -23.37 -6.29
C ALA B 325 -16.55 -24.26 -7.04
N LEU B 326 -16.21 -25.44 -6.49
CA LEU B 326 -15.25 -26.32 -7.12
C LEU B 326 -15.70 -26.83 -8.49
N LYS B 327 -17.00 -26.78 -8.77
CA LYS B 327 -17.55 -27.18 -10.07
C LYS B 327 -17.78 -25.98 -10.99
N HIS B 328 -17.17 -24.83 -10.70
CA HIS B 328 -17.48 -23.65 -11.48
C HIS B 328 -16.70 -23.66 -12.80
N PRO B 329 -17.32 -23.15 -13.88
CA PRO B 329 -16.64 -23.16 -15.19
C PRO B 329 -15.25 -22.54 -15.17
N PHE B 330 -15.00 -21.59 -14.27
CA PHE B 330 -13.68 -20.99 -14.23
C PHE B 330 -12.57 -22.02 -14.09
N PHE B 331 -12.87 -23.17 -13.48
CA PHE B 331 -11.87 -24.19 -13.21
C PHE B 331 -11.72 -25.24 -14.32
N ASP B 332 -12.40 -25.09 -15.46
CA ASP B 332 -12.41 -26.15 -16.47
C ASP B 332 -11.03 -26.39 -17.07
N LEU B 333 -10.31 -25.32 -17.41
CA LEU B 333 -9.00 -25.47 -18.05
C LEU B 333 -7.98 -26.11 -17.12
N LEU B 334 -8.43 -26.55 -15.93
CA LEU B 334 -7.61 -27.33 -15.02
C LEU B 334 -7.82 -28.83 -15.16
N LYS B 335 -8.80 -29.26 -15.95
CA LYS B 335 -9.09 -30.69 -16.12
C LYS B 335 -8.76 -31.15 -17.52
F SQZ C . 4.55 9.48 -16.31
C5 SQZ C . 4.38 10.36 -15.38
C4 SQZ C . 5.37 10.59 -14.45
C3 SQZ C . 5.21 11.49 -13.45
C6 SQZ C . 3.22 11.09 -15.34
C7 SQZ C . 3.08 12.01 -14.35
C2 SQZ C . 4.06 12.21 -13.43
C1 SQZ C . 3.88 13.17 -12.39
C SQZ C . 3.45 12.52 -11.10
N SQZ C . 3.15 14.43 -12.71
C9 SQZ C . 3.30 15.41 -13.55
C10 SQZ C . 4.24 15.69 -14.52
C22 SQZ C . 4.07 16.97 -15.21
N4 SQZ C . 3.08 17.78 -14.91
C23 SQZ C . 2.18 17.54 -13.99
C8 SQZ C . 2.25 16.39 -13.27
N2 SQZ C . 1.53 15.88 -12.31
N1 SQZ C . 2.04 14.68 -11.94
C21 SQZ C . 4.95 17.32 -16.18
C20 SQZ C . 5.97 16.50 -16.55
C12 SQZ C . 6.17 15.31 -15.87
C11 SQZ C . 5.30 14.90 -14.88
C13 SQZ C . 7.22 14.43 -16.36
C19 SQZ C . 8.32 14.91 -16.97
C18 SQZ C . 9.28 14.07 -17.48
C17 SQZ C . 9.10 12.74 -17.41
C15 SQZ C . 7.94 12.20 -16.80
C14 SQZ C . 6.99 13.06 -16.31
O SQZ C . 9.89 11.81 -17.83
C16 SQZ C . 9.27 10.67 -17.54
N3 SQZ C . 8.12 10.91 -16.92
F SQZ D . 6.42 -16.11 8.64
C5 SQZ D . 5.09 -16.08 8.75
C4 SQZ D . 4.50 -15.76 9.97
C3 SQZ D . 3.11 -15.73 10.07
C6 SQZ D . 4.34 -16.41 7.64
C7 SQZ D . 2.97 -16.40 7.73
C2 SQZ D . 2.38 -16.07 8.94
C1 SQZ D . 0.92 -16.07 8.96
C SQZ D . 0.37 -14.68 8.52
N SQZ D . 0.30 -16.47 10.24
C9 SQZ D . 0.27 -17.57 11.00
C10 SQZ D . 0.95 -18.80 10.91
C22 SQZ D . 0.62 -19.76 11.99
N4 SQZ D . -0.25 -19.44 12.98
C23 SQZ D . -0.87 -18.25 13.07
C8 SQZ D . -0.66 -17.28 12.11
N2 SQZ D . -1.14 -16.04 11.93
N1 SQZ D . -0.57 -15.50 10.77
C21 SQZ D . 1.22 -21.01 12.01
C20 SQZ D . 2.12 -21.37 11.00
C12 SQZ D . 2.41 -20.48 9.96
C11 SQZ D . 1.84 -19.20 9.91
C13 SQZ D . 3.43 -20.92 8.97
C19 SQZ D . 3.66 -22.26 8.63
C18 SQZ D . 4.68 -22.61 7.74
C17 SQZ D . 5.50 -21.59 7.24
C15 SQZ D . 5.29 -20.19 7.64
C14 SQZ D . 4.26 -19.90 8.51
O SQZ D . 6.51 -21.67 6.41
C16 SQZ D . 7.00 -20.39 6.22
N3 SQZ D . 6.26 -19.51 6.95
#